data_2JHA
#
_entry.id   2JHA
#
_cell.length_a   75.400
_cell.length_b   75.400
_cell.length_c   422.470
_cell.angle_alpha   90.00
_cell.angle_beta   90.00
_cell.angle_gamma   120.00
#
_symmetry.space_group_name_H-M   'P 65 2 2'
#
loop_
_entity.id
_entity.type
_entity.pdbx_description
1 polymer 'VP4 CORE PROTEIN'
2 non-polymer "DIGUANOSINE-5'-TRIPHOSPHATE"
3 non-polymer GUANINE
#
_entity_poly.entity_id   1
_entity_poly.type   'polypeptide(L)'
_entity_poly.pdbx_seq_one_letter_code
;MPEPHAVLYVTNELSHIVKDGFLPIWKLTGDESLNDLWLENGKYATDVYAYGDVSKWTIRQLRGHGFIFISTHKNVQLAD
IIKTVDVRIPREVARSHDMKAFENEIGRRRIRMRKGFGDALRNYAFKMAIEFHGSEAETLNDANPRLHKIYGMPEIPPLY
MEYAEIGTRFDDEPTDEKLVSMLDYIVYSAEEVHYIGCGDLRTLMQFKKRSPGRFRRVLWHVYDPIAPECSDPNVIVHNI
MVDSKKDILKHMNFLKRVERLFIWDVSSDRSQMNDHEWETTRFAEDRLGEEIAYEMGGAFSSALIKHRIPNSKDEYHCIS
TYLFPQPGADADMYELRNFMRLRGYSHVDRHMHPDASVTKVVSRDVRKMVELYHGRDRGRFLKKRLFEHLHIVRKNGLLH
ESDEPRADLFYLTNRCNMGLEPSIYEVMKKSVIATAWVGRAPLYDYDDFALPRSTVMLNGSYRDIRILDGNGAILFLMWR
YPDIVKKDLTYDPAWAMNFAVSLKEPIPDPPVPDISLCRFIGLRVESSVLRVRNPTLHETADELKRMGLDLSGHLYVTLM
SGAYVTDLFWWFKMILDWSAQNREQKLRDLKRSAAEVIEWKEQMAERPWHVRNDLIAALREYKRKMGMREGASIDSWLEL
LRHL
;
_entity_poly.pdbx_strand_id   A
#
loop_
_chem_comp.id
_chem_comp.type
_chem_comp.name
_chem_comp.formula
GP3 non-polymer DIGUANOSINE-5'-TRIPHOSPHATE 'C20 H27 N10 O18 P3'
GUN non-polymer GUANINE 'C5 H5 N5 O'
#
# COMPACT_ATOMS: atom_id res chain seq x y z
N PRO A 2 10.81 -13.34 11.79
CA PRO A 2 11.09 -14.62 12.43
C PRO A 2 12.30 -14.53 13.33
N GLU A 3 13.24 -13.70 12.94
CA GLU A 3 14.43 -13.54 13.71
C GLU A 3 14.59 -12.05 13.90
N PRO A 4 14.36 -11.25 12.82
CA PRO A 4 14.68 -9.83 12.80
C PRO A 4 14.07 -9.09 13.99
N HIS A 5 14.85 -8.24 14.63
CA HIS A 5 14.35 -7.42 15.71
C HIS A 5 14.53 -5.96 15.40
N ALA A 6 13.87 -5.09 16.14
CA ALA A 6 14.37 -3.73 16.21
C ALA A 6 15.13 -3.49 17.54
N VAL A 7 15.99 -2.47 17.48
CA VAL A 7 16.60 -1.91 18.65
C VAL A 7 15.72 -0.72 18.99
N LEU A 8 15.05 -0.79 20.14
CA LEU A 8 14.19 0.29 20.54
C LEU A 8 15.01 1.28 21.30
N TYR A 9 15.71 2.10 20.54
CA TYR A 9 16.57 3.15 21.09
C TYR A 9 15.79 4.30 21.75
N VAL A 10 16.04 4.49 23.04
CA VAL A 10 15.36 5.52 23.77
C VAL A 10 16.39 6.58 24.17
N THR A 11 15.91 7.76 24.56
CA THR A 11 16.83 8.79 25.00
C THR A 11 16.91 8.81 26.53
N ASN A 12 17.92 9.54 27.01
CA ASN A 12 18.43 9.43 28.37
C ASN A 12 17.39 9.55 29.48
N GLU A 13 16.68 10.68 29.49
CA GLU A 13 15.59 10.90 30.44
C GLU A 13 14.67 9.68 30.55
N LEU A 14 14.53 8.95 29.45
CA LEU A 14 13.56 7.90 29.39
C LEU A 14 14.13 6.57 29.85
N SER A 15 15.44 6.53 30.07
CA SER A 15 16.17 5.26 30.15
C SER A 15 15.82 4.39 31.34
N HIS A 16 16.16 4.87 32.53
CA HIS A 16 15.81 4.26 33.82
C HIS A 16 14.59 3.29 33.91
N ILE A 17 13.52 3.49 33.13
CA ILE A 17 12.32 2.65 33.24
C ILE A 17 12.55 1.34 32.56
N VAL A 18 12.92 1.46 31.29
CA VAL A 18 13.27 0.36 30.44
C VAL A 18 13.90 -0.76 31.26
N LYS A 19 14.89 -0.41 32.05
CA LYS A 19 15.52 -1.34 33.00
C LYS A 19 14.57 -2.30 33.73
N ASP A 20 13.30 -1.93 33.80
CA ASP A 20 12.32 -2.73 34.49
C ASP A 20 11.69 -3.89 33.67
N GLY A 21 11.25 -3.60 32.45
CA GLY A 21 10.54 -4.57 31.62
C GLY A 21 11.37 -5.78 31.28
N PHE A 22 10.72 -6.84 30.79
CA PHE A 22 11.36 -8.16 30.68
C PHE A 22 12.04 -8.49 29.34
N LEU A 23 12.24 -7.46 28.48
CA LEU A 23 13.09 -7.55 27.26
C LEU A 23 14.50 -7.01 27.50
N PRO A 24 15.48 -7.53 26.71
CA PRO A 24 16.88 -7.30 26.98
C PRO A 24 17.28 -5.84 26.74
N ILE A 25 18.28 -5.36 27.49
CA ILE A 25 18.80 -4.00 27.36
C ILE A 25 20.28 -3.89 26.93
N TRP A 26 20.50 -3.52 25.68
CA TRP A 26 21.81 -3.08 25.24
C TRP A 26 22.11 -1.75 25.92
N LYS A 27 23.39 -1.51 26.23
CA LYS A 27 23.75 -0.29 26.91
C LYS A 27 24.95 0.32 26.22
N LEU A 28 24.91 1.62 25.91
CA LEU A 28 26.10 2.39 25.37
C LEU A 28 26.43 3.68 26.21
N THR A 29 27.56 4.39 26.02
CA THR A 29 28.96 3.94 25.85
C THR A 29 29.70 4.31 24.53
N GLY A 30 29.22 5.35 23.87
CA GLY A 30 29.64 5.73 22.49
C GLY A 30 31.07 5.57 21.99
N ASP A 31 31.64 4.39 22.19
CA ASP A 31 33.00 4.07 21.73
C ASP A 31 33.44 2.66 22.19
N GLU A 32 32.84 1.55 21.74
CA GLU A 32 32.04 1.33 20.51
C GLU A 32 32.67 1.80 19.24
N SER A 33 33.41 0.87 18.65
CA SER A 33 33.97 1.02 17.33
C SER A 33 32.90 0.42 16.46
N LEU A 34 33.03 0.61 15.15
CA LEU A 34 32.03 0.11 14.22
C LEU A 34 31.65 -1.34 14.57
N ASN A 35 32.65 -2.21 14.53
CA ASN A 35 32.43 -3.63 14.71
C ASN A 35 31.99 -4.09 16.06
N ASP A 36 31.77 -3.18 17.00
CA ASP A 36 31.07 -3.58 18.22
C ASP A 36 29.58 -3.78 17.94
N LEU A 37 28.96 -2.73 17.41
CA LEU A 37 27.53 -2.70 17.25
C LEU A 37 27.04 -3.89 16.43
N TRP A 38 27.91 -4.38 15.55
CA TRP A 38 27.51 -5.48 14.73
C TRP A 38 27.51 -6.80 15.52
N LEU A 39 28.54 -7.00 16.34
CA LEU A 39 28.54 -8.19 17.20
C LEU A 39 27.60 -8.08 18.44
N GLU A 40 27.40 -6.86 18.94
CA GLU A 40 26.51 -6.74 20.08
C GLU A 40 25.10 -6.91 19.56
N ASN A 41 24.63 -5.94 18.80
CA ASN A 41 23.35 -6.07 18.14
C ASN A 41 23.13 -7.51 17.70
N GLY A 42 24.19 -8.15 17.21
CA GLY A 42 24.11 -9.52 16.71
C GLY A 42 23.69 -10.55 17.74
N LYS A 43 23.72 -10.15 19.01
CA LYS A 43 23.36 -11.03 20.11
C LYS A 43 21.87 -11.20 20.20
N TYR A 44 21.16 -10.09 20.30
CA TYR A 44 19.76 -10.11 20.67
C TYR A 44 18.89 -10.76 19.60
N ALA A 45 18.19 -11.83 20.00
CA ALA A 45 17.29 -12.57 19.09
C ALA A 45 15.87 -12.02 19.02
N THR A 46 15.40 -11.36 20.10
CA THR A 46 14.14 -10.61 20.12
C THR A 46 14.47 -9.14 19.97
N ASP A 47 13.45 -8.29 19.96
CA ASP A 47 13.65 -6.84 20.05
C ASP A 47 14.45 -6.46 21.31
N VAL A 48 15.22 -5.39 21.20
CA VAL A 48 15.89 -4.81 22.36
C VAL A 48 15.61 -3.35 22.56
N TYR A 49 15.95 -2.95 23.79
CA TYR A 49 16.06 -1.57 24.19
C TYR A 49 17.54 -1.25 24.26
N ALA A 50 17.90 -0.03 23.88
CA ALA A 50 19.27 0.43 23.92
C ALA A 50 19.28 1.92 24.19
N TYR A 51 20.17 2.34 25.08
CA TYR A 51 20.38 3.76 25.36
C TYR A 51 21.85 4.12 25.44
N GLY A 52 22.14 5.41 25.34
CA GLY A 52 23.51 5.90 25.40
C GLY A 52 24.01 6.56 24.11
N ASP A 53 25.08 7.34 24.23
CA ASP A 53 25.64 8.16 23.15
C ASP A 53 25.86 7.45 21.80
N VAL A 54 25.07 7.86 20.83
CA VAL A 54 25.18 7.38 19.47
C VAL A 54 25.42 8.59 18.57
N SER A 55 26.34 9.42 18.99
CA SER A 55 26.63 10.62 18.26
C SER A 55 27.14 10.25 16.88
N LYS A 56 28.22 9.47 16.83
CA LYS A 56 29.08 9.38 15.64
C LYS A 56 28.51 8.75 14.35
N TRP A 57 27.31 8.17 14.44
CA TRP A 57 26.76 7.32 13.38
C TRP A 57 25.79 8.02 12.45
N THR A 58 25.74 7.54 11.20
CA THR A 58 24.74 7.98 10.23
C THR A 58 23.45 7.28 10.54
N ILE A 59 22.45 7.54 9.71
CA ILE A 59 21.12 7.02 9.98
C ILE A 59 20.96 5.65 9.37
N ARG A 60 21.24 5.59 8.08
CA ARG A 60 21.29 4.35 7.33
C ARG A 60 22.05 3.30 8.16
N GLN A 61 23.17 3.73 8.75
CA GLN A 61 23.91 2.91 9.72
C GLN A 61 23.03 2.53 10.89
N LEU A 62 22.17 3.43 11.31
CA LEU A 62 21.32 3.11 12.44
C LEU A 62 20.10 2.31 12.06
N ARG A 63 19.56 2.55 10.86
CA ARG A 63 18.43 1.76 10.39
C ARG A 63 18.87 0.34 9.99
N GLY A 64 20.08 0.23 9.48
CA GLY A 64 20.62 -1.06 9.18
C GLY A 64 20.77 -1.92 10.42
N HIS A 65 20.76 -1.30 11.56
CA HIS A 65 20.81 -2.10 12.75
C HIS A 65 19.42 -2.40 13.24
N GLY A 66 18.45 -1.67 12.68
CA GLY A 66 17.03 -1.77 13.08
C GLY A 66 16.67 -0.86 14.27
N PHE A 67 17.19 0.36 14.26
CA PHE A 67 16.88 1.25 15.33
C PHE A 67 15.50 1.87 15.18
N ILE A 68 14.80 2.00 16.29
CA ILE A 68 13.63 2.85 16.35
C ILE A 68 13.81 3.87 17.47
N PHE A 69 13.58 5.14 17.14
CA PHE A 69 13.94 6.23 18.02
C PHE A 69 12.75 6.64 18.83
N ILE A 70 12.96 6.68 20.12
CA ILE A 70 11.90 6.90 21.06
C ILE A 70 12.43 7.91 22.09
N SER A 71 11.66 8.97 22.33
CA SER A 71 12.07 9.98 23.29
C SER A 71 10.91 10.82 23.77
N THR A 72 11.21 11.80 24.60
CA THR A 72 10.27 12.86 24.91
C THR A 72 10.46 13.97 23.91
N HIS A 73 11.57 13.93 23.21
CA HIS A 73 11.94 15.00 22.31
C HIS A 73 11.66 14.61 20.86
N LYS A 74 11.35 15.62 20.03
CA LYS A 74 10.94 15.44 18.63
C LYS A 74 12.02 14.81 17.72
N ASN A 75 13.25 14.77 18.22
CA ASN A 75 14.44 14.44 17.43
C ASN A 75 15.67 14.20 18.28
N VAL A 76 16.74 13.80 17.60
CA VAL A 76 17.98 13.39 18.26
C VAL A 76 19.18 13.58 17.31
N GLN A 77 20.20 14.26 17.80
CA GLN A 77 21.43 14.48 17.03
C GLN A 77 22.05 13.18 16.55
N LEU A 78 22.58 13.21 15.32
CA LEU A 78 23.26 12.07 14.67
C LEU A 78 24.45 12.65 13.90
N ALA A 79 25.13 11.84 13.08
CA ALA A 79 26.29 12.39 12.36
C ALA A 79 25.94 12.75 10.93
N ASP A 80 24.93 12.04 10.42
CA ASP A 80 24.38 12.20 9.08
C ASP A 80 23.54 13.48 9.01
N ILE A 81 22.51 13.51 9.86
CA ILE A 81 21.54 14.60 9.96
C ILE A 81 20.84 14.54 11.35
N ILE A 82 19.74 15.28 11.51
CA ILE A 82 19.04 15.40 12.80
C ILE A 82 17.64 14.76 12.71
N LYS A 83 17.54 13.50 13.14
CA LYS A 83 16.40 12.62 12.80
C LYS A 83 15.15 12.78 13.63
N THR A 84 14.03 13.01 12.93
CA THR A 84 12.73 13.19 13.58
C THR A 84 12.44 11.93 14.35
N VAL A 85 12.22 12.10 15.64
CA VAL A 85 11.90 10.99 16.50
C VAL A 85 10.76 10.15 15.89
N ASP A 86 11.05 8.85 15.82
CA ASP A 86 10.13 7.81 15.34
C ASP A 86 8.89 7.61 16.20
N VAL A 87 9.05 7.65 17.51
CA VAL A 87 7.96 7.42 18.46
C VAL A 87 8.14 8.44 19.56
N ARG A 88 7.20 9.37 19.67
CA ARG A 88 7.31 10.35 20.72
C ARG A 88 6.40 10.03 21.90
N ILE A 89 7.01 9.83 23.07
CA ILE A 89 6.24 9.61 24.29
C ILE A 89 5.61 10.92 24.80
N PRO A 90 4.28 10.92 25.02
CA PRO A 90 3.67 12.09 25.64
C PRO A 90 4.18 12.29 27.06
N ARG A 91 4.50 13.54 27.38
CA ARG A 91 5.02 13.97 28.67
C ARG A 91 4.53 13.16 29.87
N GLU A 92 3.28 13.45 30.27
CA GLU A 92 2.58 12.82 31.40
C GLU A 92 2.73 11.29 31.32
N VAL A 93 2.51 10.76 30.13
CA VAL A 93 2.69 9.32 29.84
C VAL A 93 4.17 8.89 29.87
N ALA A 94 4.98 9.60 30.65
CA ALA A 94 6.23 9.02 31.12
C ALA A 94 5.82 8.29 32.40
N ARG A 95 5.90 8.91 33.57
CA ARG A 95 6.60 10.15 33.87
C ARG A 95 6.95 10.22 35.38
N SER A 96 6.20 9.60 36.33
CA SER A 96 5.12 8.57 36.22
C SER A 96 5.57 7.12 35.96
N HIS A 97 6.78 7.00 35.37
CA HIS A 97 7.37 5.69 35.00
C HIS A 97 6.40 4.53 35.18
N ASP A 98 5.47 4.39 34.23
CA ASP A 98 4.84 3.09 34.04
C ASP A 98 5.52 2.40 32.87
N MET A 99 5.94 1.17 33.11
CA MET A 99 6.64 0.42 32.09
C MET A 99 5.66 -0.03 31.00
N LYS A 100 4.42 -0.32 31.41
CA LYS A 100 3.44 -0.92 30.52
C LYS A 100 2.84 0.15 29.61
N ALA A 101 2.18 1.14 30.19
CA ALA A 101 1.78 2.34 29.45
C ALA A 101 2.80 2.77 28.38
N PHE A 102 4.06 2.87 28.79
CA PHE A 102 5.19 3.12 27.90
C PHE A 102 5.20 2.15 26.71
N GLU A 103 5.32 0.86 27.02
CA GLU A 103 5.47 -0.19 25.99
C GLU A 103 4.27 -0.28 25.09
N ASN A 104 3.10 -0.34 25.72
CA ASN A 104 1.82 -0.28 25.04
C ASN A 104 1.76 0.86 24.07
N GLU A 105 2.32 2.00 24.51
CA GLU A 105 2.52 3.19 23.69
C GLU A 105 3.40 2.87 22.47
N ILE A 106 4.55 2.28 22.70
CA ILE A 106 5.43 1.95 21.58
C ILE A 106 4.70 1.20 20.46
N GLY A 107 3.94 0.18 20.83
CA GLY A 107 3.35 -0.69 19.83
C GLY A 107 2.40 -0.02 18.85
N ARG A 108 1.56 0.85 19.40
CA ARG A 108 0.51 1.49 18.62
C ARG A 108 1.15 2.17 17.43
N ARG A 109 1.82 3.28 17.74
CA ARG A 109 2.65 4.05 16.82
C ARG A 109 3.44 3.13 15.88
N ARG A 110 3.94 2.01 16.42
CA ARG A 110 4.68 1.04 15.61
C ARG A 110 3.82 0.45 14.46
N ILE A 111 2.52 0.26 14.71
CA ILE A 111 1.57 -0.26 13.71
C ILE A 111 1.06 0.90 12.89
N ARG A 112 1.02 2.05 13.55
CA ARG A 112 0.82 3.31 12.86
C ARG A 112 1.98 3.53 11.90
N MET A 113 3.18 3.13 12.30
CA MET A 113 4.36 3.15 11.45
C MET A 113 4.30 2.28 10.20
N ARG A 114 3.69 1.10 10.31
CA ARG A 114 3.46 0.20 9.17
C ARG A 114 3.13 0.90 7.86
N LYS A 115 2.44 2.03 7.91
CA LYS A 115 2.05 2.65 6.65
C LYS A 115 3.21 3.34 5.97
N GLY A 116 4.12 3.89 6.77
CA GLY A 116 5.25 4.65 6.26
C GLY A 116 6.09 3.85 5.28
N PHE A 117 6.35 2.61 5.67
CA PHE A 117 7.02 1.65 4.84
C PHE A 117 6.29 1.51 3.48
N GLY A 118 5.20 0.74 3.45
CA GLY A 118 4.35 0.66 2.26
C GLY A 118 4.34 1.92 1.44
N ASP A 119 4.35 3.08 2.11
CA ASP A 119 4.31 4.35 1.40
C ASP A 119 5.52 4.69 0.56
N ALA A 120 6.69 4.74 1.18
CA ALA A 120 7.88 4.97 0.42
C ALA A 120 7.85 4.05 -0.79
N LEU A 121 7.54 2.77 -0.57
CA LEU A 121 7.55 1.81 -1.68
C LEU A 121 6.63 2.27 -2.81
N ARG A 122 5.34 2.18 -2.54
CA ARG A 122 4.32 2.76 -3.37
C ARG A 122 4.81 4.04 -4.10
N ASN A 123 5.36 4.96 -3.33
CA ASN A 123 5.75 6.24 -3.88
C ASN A 123 6.82 6.09 -4.95
N TYR A 124 7.64 5.06 -4.80
CA TYR A 124 8.67 4.77 -5.78
C TYR A 124 8.00 4.39 -7.08
N ALA A 125 6.95 3.59 -6.95
CA ALA A 125 6.35 2.92 -8.10
C ALA A 125 5.53 3.88 -8.95
N PHE A 126 4.86 4.86 -8.32
CA PHE A 126 4.24 5.93 -9.09
C PHE A 126 5.32 6.78 -9.77
N LYS A 127 6.56 6.60 -9.33
CA LYS A 127 7.66 7.24 -10.00
C LYS A 127 8.16 6.31 -11.07
N MET A 128 7.63 5.07 -11.11
CA MET A 128 8.16 4.07 -12.05
C MET A 128 7.15 3.29 -12.90
N ALA A 129 6.14 2.70 -12.27
CA ALA A 129 5.22 1.81 -12.98
C ALA A 129 3.94 2.50 -13.49
N ILE A 130 3.13 1.73 -14.23
CA ILE A 130 1.90 2.20 -14.81
C ILE A 130 0.75 1.28 -14.43
N GLU A 131 0.93 -0.02 -14.60
CA GLU A 131 -0.04 -0.96 -14.08
C GLU A 131 0.15 -1.23 -12.57
N PHE A 132 -0.93 -1.52 -11.85
CA PHE A 132 -0.86 -1.85 -10.42
C PHE A 132 -1.80 -3.00 -10.11
N HIS A 133 -1.32 -4.03 -9.40
CA HIS A 133 -2.13 -5.25 -9.28
C HIS A 133 -2.33 -5.68 -7.86
N GLY A 134 -3.60 -5.95 -7.53
CA GLY A 134 -4.00 -6.24 -6.14
C GLY A 134 -4.07 -4.94 -5.35
N SER A 135 -4.73 -3.95 -5.97
CA SER A 135 -4.78 -2.61 -5.45
C SER A 135 -5.90 -2.44 -4.45
N GLU A 136 -5.92 -1.30 -3.79
CA GLU A 136 -7.04 -0.90 -2.93
C GLU A 136 -7.12 0.59 -2.79
N ALA A 137 -8.16 1.00 -2.07
CA ALA A 137 -8.46 2.39 -1.85
C ALA A 137 -7.23 3.29 -1.64
N GLU A 138 -6.18 2.72 -1.06
CA GLU A 138 -4.96 3.48 -0.80
C GLU A 138 -4.23 3.78 -2.10
N THR A 139 -3.83 2.72 -2.80
CA THR A 139 -3.19 2.85 -4.11
C THR A 139 -4.04 3.71 -5.00
N LEU A 140 -5.37 3.64 -4.84
CA LEU A 140 -6.32 4.51 -5.56
C LEU A 140 -6.10 5.95 -5.20
N ASN A 141 -5.95 6.14 -3.89
CA ASN A 141 -5.89 7.46 -3.28
C ASN A 141 -4.77 8.37 -3.79
N ASP A 142 -3.73 7.77 -4.32
CA ASP A 142 -2.59 8.51 -4.80
C ASP A 142 -2.28 8.13 -6.23
N ALA A 143 -3.31 7.72 -6.96
CA ALA A 143 -3.08 7.35 -8.34
C ALA A 143 -3.37 8.59 -9.14
N ASN A 144 -2.59 8.84 -10.19
CA ASN A 144 -2.99 9.86 -11.17
C ASN A 144 -3.87 9.17 -12.22
N PRO A 145 -5.19 9.31 -12.10
CA PRO A 145 -6.06 8.37 -12.80
C PRO A 145 -5.93 8.53 -14.30
N ARG A 146 -5.38 9.68 -14.69
CA ARG A 146 -5.12 10.06 -16.06
C ARG A 146 -3.81 9.47 -16.57
N LEU A 147 -3.21 8.57 -15.80
CA LEU A 147 -1.92 7.97 -16.18
C LEU A 147 -1.71 6.58 -15.58
N HIS A 148 -1.92 6.46 -14.28
CA HIS A 148 -1.75 5.20 -13.69
C HIS A 148 -2.92 4.34 -14.12
N LYS A 149 -2.76 3.02 -14.01
CA LYS A 149 -3.80 2.06 -14.38
C LYS A 149 -3.92 1.10 -13.23
N ILE A 150 -5.00 1.23 -12.46
CA ILE A 150 -5.16 0.52 -11.16
C ILE A 150 -6.06 -0.71 -11.23
N TYR A 151 -5.47 -1.88 -11.02
CA TYR A 151 -6.26 -3.10 -11.02
C TYR A 151 -6.23 -3.85 -9.69
N GLY A 152 -7.06 -4.89 -9.66
CA GLY A 152 -7.16 -5.80 -8.54
C GLY A 152 -8.49 -6.53 -8.48
N MET A 153 -8.63 -7.33 -7.42
CA MET A 153 -9.87 -7.99 -7.13
C MET A 153 -10.24 -7.62 -5.69
N PRO A 154 -10.88 -6.45 -5.49
CA PRO A 154 -11.30 -6.04 -4.14
C PRO A 154 -12.58 -6.69 -3.75
N GLU A 155 -12.79 -6.83 -2.44
CA GLU A 155 -13.99 -7.51 -1.91
C GLU A 155 -15.25 -6.69 -2.22
N ILE A 156 -16.27 -7.34 -2.78
CA ILE A 156 -17.38 -6.60 -3.44
C ILE A 156 -18.52 -6.21 -2.48
N PRO A 157 -18.98 -4.94 -2.58
CA PRO A 157 -20.09 -4.37 -1.82
C PRO A 157 -21.46 -4.97 -2.18
N PRO A 158 -22.47 -4.76 -1.31
CA PRO A 158 -23.85 -5.19 -1.56
C PRO A 158 -24.50 -4.52 -2.78
N LEU A 159 -24.90 -5.30 -3.78
CA LEU A 159 -25.47 -4.71 -4.97
C LEU A 159 -26.81 -5.36 -5.32
N TYR A 160 -27.69 -4.58 -5.92
CA TYR A 160 -28.85 -5.14 -6.58
C TYR A 160 -28.61 -5.10 -8.07
N MET A 161 -29.05 -6.13 -8.77
CA MET A 161 -29.28 -6.07 -10.24
C MET A 161 -30.08 -7.26 -10.82
N GLU A 162 -29.45 -8.06 -11.66
CA GLU A 162 -30.18 -9.11 -12.36
C GLU A 162 -31.04 -10.06 -11.48
N TYR A 163 -30.58 -10.70 -10.39
CA TYR A 163 -29.28 -10.64 -9.66
C TYR A 163 -29.43 -9.99 -8.28
N ALA A 164 -29.02 -10.72 -7.25
CA ALA A 164 -29.05 -10.21 -5.89
C ALA A 164 -27.99 -10.89 -5.03
N GLU A 165 -28.25 -12.16 -4.69
CA GLU A 165 -27.48 -13.03 -3.74
C GLU A 165 -27.44 -12.60 -2.25
N ILE A 166 -27.39 -11.27 -2.05
CA ILE A 166 -27.26 -10.56 -0.76
C ILE A 166 -27.72 -11.29 0.54
N GLY A 167 -27.11 -10.97 1.68
CA GLY A 167 -26.13 -9.91 1.81
C GLY A 167 -24.71 -10.26 1.43
N THR A 168 -23.97 -10.89 2.35
CA THR A 168 -24.38 -11.01 3.76
C THR A 168 -23.75 -9.86 4.61
N ARG A 169 -24.20 -9.75 5.86
CA ARG A 169 -23.82 -8.62 6.75
C ARG A 169 -22.36 -8.69 7.22
N PHE A 170 -21.74 -7.52 7.39
CA PHE A 170 -20.38 -7.40 8.00
C PHE A 170 -20.36 -6.28 9.05
N ASP A 171 -19.35 -6.25 9.91
CA ASP A 171 -19.18 -5.10 10.81
C ASP A 171 -18.85 -3.83 10.00
N ASP A 172 -19.22 -2.67 10.54
CA ASP A 172 -18.96 -1.39 9.86
C ASP A 172 -18.84 -0.25 10.88
N GLU A 173 -18.62 0.97 10.37
CA GLU A 173 -18.34 2.17 11.20
C GLU A 173 -18.88 3.51 10.65
N PRO A 174 -19.25 4.43 11.56
CA PRO A 174 -19.88 5.70 11.16
C PRO A 174 -18.97 6.52 10.25
N THR A 175 -19.55 7.15 9.24
CA THR A 175 -18.73 7.87 8.27
C THR A 175 -19.34 9.20 7.91
N ASP A 176 -18.62 9.95 7.07
CA ASP A 176 -19.08 11.20 6.49
C ASP A 176 -20.59 11.12 6.18
N GLU A 177 -21.32 12.20 6.45
CA GLU A 177 -22.79 12.22 6.25
C GLU A 177 -23.19 11.67 4.90
N LYS A 178 -24.43 11.21 4.80
CA LYS A 178 -24.90 10.58 3.57
C LYS A 178 -24.30 11.27 2.35
N LEU A 179 -24.92 12.37 1.93
CA LEU A 179 -24.59 13.06 0.67
C LEU A 179 -23.12 13.30 0.40
N VAL A 180 -22.39 13.84 1.36
CA VAL A 180 -20.96 13.98 1.14
C VAL A 180 -20.37 12.61 0.83
N SER A 181 -20.61 11.63 1.69
CA SER A 181 -20.02 10.30 1.51
C SER A 181 -20.36 9.63 0.17
N MET A 182 -21.27 10.25 -0.59
CA MET A 182 -21.66 9.84 -1.94
C MET A 182 -20.60 10.31 -2.90
N LEU A 183 -20.48 11.64 -3.02
CA LEU A 183 -19.28 12.26 -3.56
C LEU A 183 -18.02 11.44 -3.24
N ASP A 184 -17.82 11.08 -1.98
CA ASP A 184 -16.63 10.40 -1.61
C ASP A 184 -16.26 9.18 -2.47
N TYR A 185 -17.20 8.29 -2.72
CA TYR A 185 -16.83 7.13 -3.54
C TYR A 185 -17.04 7.34 -5.04
N ILE A 186 -17.96 8.19 -5.46
CA ILE A 186 -18.09 8.37 -6.87
C ILE A 186 -16.94 9.15 -7.46
N VAL A 187 -16.47 10.21 -6.81
CA VAL A 187 -15.46 11.07 -7.47
C VAL A 187 -14.03 10.59 -7.32
N TYR A 188 -13.57 9.88 -8.36
CA TYR A 188 -12.21 9.38 -8.47
C TYR A 188 -11.46 9.82 -9.76
N SER A 189 -12.12 9.79 -10.92
CA SER A 189 -11.39 10.05 -12.18
C SER A 189 -12.10 10.96 -13.16
N ALA A 190 -13.34 11.35 -12.84
CA ALA A 190 -14.09 12.24 -13.74
C ALA A 190 -13.46 13.65 -13.81
N GLU A 191 -13.30 14.22 -15.00
CA GLU A 191 -12.71 15.54 -15.05
C GLU A 191 -13.77 16.63 -14.94
N GLU A 192 -15.00 16.29 -15.28
CA GLU A 192 -16.14 17.23 -15.35
C GLU A 192 -17.30 16.60 -14.57
N VAL A 193 -18.10 17.40 -13.88
CA VAL A 193 -19.16 16.80 -13.07
C VAL A 193 -20.41 17.61 -13.09
N HIS A 194 -21.44 17.03 -13.68
CA HIS A 194 -22.76 17.69 -13.71
C HIS A 194 -23.57 17.12 -12.58
N TYR A 195 -23.88 18.03 -11.68
CA TYR A 195 -24.54 17.73 -10.46
C TYR A 195 -25.89 18.34 -10.65
N ILE A 196 -26.92 17.51 -10.71
CA ILE A 196 -28.24 18.08 -10.83
C ILE A 196 -28.95 18.01 -9.47
N GLY A 197 -29.38 19.17 -9.00
CA GLY A 197 -29.90 19.32 -7.65
C GLY A 197 -28.75 19.44 -6.67
N CYS A 198 -28.24 20.66 -6.52
CA CYS A 198 -27.09 20.83 -5.64
C CYS A 198 -27.39 21.76 -4.44
N GLY A 199 -28.60 22.30 -4.39
CA GLY A 199 -29.16 22.75 -3.12
C GLY A 199 -28.59 24.02 -2.51
N ASP A 200 -28.20 23.92 -1.24
CA ASP A 200 -27.51 25.02 -0.55
C ASP A 200 -25.97 24.94 -0.74
N LEU A 201 -25.50 23.71 -1.00
CA LEU A 201 -24.12 23.44 -1.41
C LEU A 201 -23.19 23.08 -0.26
N ARG A 202 -23.64 23.26 0.98
CA ARG A 202 -22.84 22.84 2.14
C ARG A 202 -22.29 21.44 1.84
N THR A 203 -23.16 20.56 1.36
CA THR A 203 -22.72 19.35 0.65
C THR A 203 -21.35 19.52 -0.04
N LEU A 204 -21.40 20.05 -1.26
CA LEU A 204 -20.22 20.15 -2.11
C LEU A 204 -19.09 20.91 -1.46
N MET A 205 -19.46 21.87 -0.61
CA MET A 205 -18.47 22.75 -0.01
C MET A 205 -17.68 22.00 1.03
N GLN A 206 -18.36 21.20 1.83
CA GLN A 206 -17.69 20.42 2.86
C GLN A 206 -16.77 19.41 2.22
N PHE A 207 -17.16 18.95 1.03
CA PHE A 207 -16.32 18.01 0.27
C PHE A 207 -14.97 18.63 0.05
N LYS A 208 -14.99 19.92 -0.30
CA LYS A 208 -13.77 20.70 -0.50
C LYS A 208 -13.04 20.86 0.81
N LYS A 209 -13.68 21.49 1.81
CA LYS A 209 -13.04 21.69 3.10
C LYS A 209 -12.55 20.35 3.68
N ARG A 210 -12.97 19.24 3.05
CA ARG A 210 -12.63 17.88 3.49
C ARG A 210 -11.59 17.08 2.69
N SER A 211 -11.64 17.15 1.36
CA SER A 211 -10.71 16.40 0.50
C SER A 211 -10.29 17.17 -0.78
N PRO A 212 -9.61 18.32 -0.60
CA PRO A 212 -9.53 19.45 -1.54
C PRO A 212 -8.90 19.18 -2.90
N GLY A 213 -7.96 18.25 -2.97
CA GLY A 213 -7.23 17.98 -4.21
C GLY A 213 -8.17 17.52 -5.31
N ARG A 214 -8.84 16.40 -5.04
CA ARG A 214 -9.74 15.82 -6.02
C ARG A 214 -10.96 16.69 -6.22
N PHE A 215 -11.22 17.62 -5.31
CA PHE A 215 -12.22 18.65 -5.55
C PHE A 215 -11.72 19.58 -6.63
N ARG A 216 -10.46 19.97 -6.52
CA ARG A 216 -9.90 21.00 -7.35
C ARG A 216 -9.53 20.56 -8.79
N ARG A 217 -9.13 19.29 -8.96
CA ARG A 217 -9.01 18.71 -10.32
C ARG A 217 -10.34 18.06 -10.78
N VAL A 218 -11.41 18.87 -10.78
CA VAL A 218 -12.71 18.51 -11.32
C VAL A 218 -13.44 19.78 -11.68
N LEU A 219 -14.15 19.75 -12.79
CA LEU A 219 -14.97 20.89 -13.15
C LEU A 219 -16.41 20.54 -12.83
N TRP A 220 -17.12 21.53 -12.30
CA TRP A 220 -18.35 21.30 -11.58
C TRP A 220 -19.42 22.19 -12.08
N HIS A 221 -20.36 21.62 -12.82
CA HIS A 221 -21.57 22.34 -13.12
C HIS A 221 -22.56 21.84 -12.14
N VAL A 222 -23.21 22.76 -11.47
CA VAL A 222 -24.08 22.38 -10.39
C VAL A 222 -25.45 23.03 -10.64
N TYR A 223 -26.45 22.23 -10.99
CA TYR A 223 -27.75 22.78 -11.44
C TYR A 223 -28.80 22.84 -10.33
N ASP A 224 -29.30 24.05 -10.03
CA ASP A 224 -30.35 24.26 -9.02
C ASP A 224 -30.81 25.71 -8.93
N PRO A 225 -32.15 25.94 -9.07
CA PRO A 225 -32.88 27.16 -8.68
C PRO A 225 -32.41 27.84 -7.37
N ILE A 226 -32.22 26.96 -6.31
CA ILE A 226 -31.92 27.44 -4.95
C ILE A 226 -30.43 27.47 -4.64
N ALA A 227 -29.58 27.20 -5.63
CA ALA A 227 -28.12 27.21 -5.47
C ALA A 227 -27.57 28.63 -5.37
N PRO A 228 -26.66 28.86 -4.39
CA PRO A 228 -26.05 30.18 -4.17
C PRO A 228 -25.03 30.60 -5.25
N GLU A 229 -24.30 31.70 -5.03
CA GLU A 229 -23.17 32.08 -5.90
C GLU A 229 -21.90 31.32 -5.48
N CYS A 230 -20.87 31.27 -6.32
CA CYS A 230 -19.62 30.66 -5.85
C CYS A 230 -18.37 31.28 -6.45
N SER A 231 -17.60 31.85 -5.54
CA SER A 231 -16.28 32.36 -5.80
C SER A 231 -15.33 31.36 -6.49
N ASP A 232 -15.42 30.08 -6.11
CA ASP A 232 -14.54 29.04 -6.68
C ASP A 232 -14.67 28.94 -8.19
N PRO A 233 -13.55 29.12 -8.90
CA PRO A 233 -13.59 29.20 -10.35
C PRO A 233 -13.55 27.84 -11.04
N ASN A 234 -13.86 26.78 -10.32
CA ASN A 234 -13.98 25.49 -10.96
C ASN A 234 -15.39 25.02 -10.72
N VAL A 235 -16.28 25.99 -10.55
CA VAL A 235 -17.65 25.75 -10.12
C VAL A 235 -18.59 26.64 -10.92
N ILE A 236 -18.88 26.26 -12.16
CA ILE A 236 -19.85 27.03 -12.91
C ILE A 236 -21.25 26.64 -12.44
N VAL A 237 -21.89 27.62 -11.80
CA VAL A 237 -23.14 27.46 -11.07
C VAL A 237 -24.35 27.77 -11.95
N HIS A 238 -25.27 26.80 -12.01
CA HIS A 238 -26.49 26.95 -12.82
C HIS A 238 -27.81 27.01 -12.02
N ASN A 239 -28.53 28.12 -12.21
CA ASN A 239 -29.76 28.38 -11.48
C ASN A 239 -31.04 27.96 -12.21
N ILE A 240 -30.86 27.40 -13.41
CA ILE A 240 -31.96 26.80 -14.17
C ILE A 240 -32.39 25.48 -13.49
N MET A 241 -33.66 25.13 -13.63
CA MET A 241 -34.18 23.84 -13.16
C MET A 241 -34.23 22.86 -14.35
N VAL A 242 -34.17 21.55 -14.09
CA VAL A 242 -33.92 20.59 -15.19
C VAL A 242 -35.02 19.56 -15.51
N ASP A 243 -35.57 19.72 -16.71
CA ASP A 243 -36.49 18.74 -17.25
C ASP A 243 -35.93 18.05 -18.49
N SER A 244 -34.87 18.57 -19.09
CA SER A 244 -34.32 17.96 -20.29
C SER A 244 -32.80 17.83 -20.32
N LYS A 245 -32.29 17.20 -21.37
CA LYS A 245 -30.86 17.13 -21.60
C LYS A 245 -30.34 18.38 -22.31
N LYS A 246 -31.24 19.20 -22.87
CA LYS A 246 -30.87 20.46 -23.52
C LYS A 246 -30.41 21.51 -22.49
N ASP A 247 -30.78 21.27 -21.23
CA ASP A 247 -30.32 22.08 -20.11
C ASP A 247 -28.87 21.72 -19.70
N ILE A 248 -28.43 20.54 -20.10
CA ILE A 248 -27.08 20.11 -19.78
C ILE A 248 -26.10 20.18 -20.97
N LEU A 249 -26.60 19.94 -22.18
CA LEU A 249 -25.78 19.88 -23.40
C LEU A 249 -25.08 21.16 -23.70
N LYS A 250 -25.85 22.24 -23.73
CA LYS A 250 -25.33 23.56 -23.99
C LYS A 250 -24.02 23.86 -23.25
N HIS A 251 -23.74 23.09 -22.19
CA HIS A 251 -22.61 23.35 -21.30
C HIS A 251 -21.57 22.22 -21.28
N MET A 252 -21.02 21.93 -22.45
CA MET A 252 -19.92 20.99 -22.60
C MET A 252 -19.08 21.41 -23.78
N ASN A 253 -17.79 21.15 -23.69
CA ASN A 253 -16.89 21.41 -24.79
C ASN A 253 -16.61 20.10 -25.53
N PHE A 254 -17.24 19.96 -26.70
CA PHE A 254 -17.12 18.74 -27.53
C PHE A 254 -15.79 18.60 -28.29
N LEU A 255 -15.16 19.74 -28.58
CA LEU A 255 -13.83 19.76 -29.21
C LEU A 255 -12.76 19.07 -28.38
N LYS A 256 -13.06 18.76 -27.12
CA LYS A 256 -12.08 18.09 -26.27
C LYS A 256 -12.68 16.97 -25.44
N ARG A 257 -12.02 15.82 -25.58
CA ARG A 257 -12.40 14.54 -24.96
C ARG A 257 -12.05 14.51 -23.46
N VAL A 258 -13.08 14.49 -22.62
CA VAL A 258 -12.88 14.51 -21.18
C VAL A 258 -13.78 13.44 -20.58
N GLU A 259 -13.46 12.94 -19.39
CA GLU A 259 -14.37 12.00 -18.70
C GLU A 259 -15.44 12.79 -17.93
N ARG A 260 -16.71 12.61 -18.25
CA ARG A 260 -17.75 13.43 -17.63
C ARG A 260 -18.58 12.59 -16.69
N LEU A 261 -18.94 13.15 -15.53
CA LEU A 261 -19.82 12.43 -14.57
C LEU A 261 -21.17 13.04 -14.20
N PHE A 262 -22.19 12.19 -14.22
CA PHE A 262 -23.56 12.64 -14.02
C PHE A 262 -24.20 12.21 -12.72
N ILE A 263 -24.42 13.21 -11.88
CA ILE A 263 -24.92 13.02 -10.57
C ILE A 263 -26.25 13.71 -10.54
N TRP A 264 -27.30 12.94 -10.26
CA TRP A 264 -28.68 13.44 -10.22
C TRP A 264 -29.22 13.19 -8.84
N ASP A 265 -29.64 14.26 -8.17
CA ASP A 265 -30.13 14.19 -6.78
C ASP A 265 -31.25 15.21 -6.62
N VAL A 266 -32.44 14.80 -6.98
CA VAL A 266 -33.48 15.76 -7.22
C VAL A 266 -34.83 15.34 -6.65
N SER A 267 -35.41 16.25 -5.88
CA SER A 267 -36.74 16.06 -5.26
C SER A 267 -37.42 17.39 -5.03
N SER A 268 -38.76 17.39 -5.13
CA SER A 268 -39.56 18.63 -5.17
C SER A 268 -40.04 19.08 -3.78
N ASP A 269 -41.35 19.29 -3.67
CA ASP A 269 -42.00 19.73 -2.44
C ASP A 269 -43.41 19.14 -2.37
N GLU A 277 -52.98 13.01 -2.36
CA GLU A 277 -51.56 13.33 -1.98
C GLU A 277 -50.72 12.01 -1.76
N TRP A 278 -50.10 11.65 -3.02
CA TRP A 278 -49.01 10.65 -3.01
C TRP A 278 -47.86 11.10 -3.92
N GLU A 279 -46.82 10.24 -4.01
CA GLU A 279 -45.63 10.62 -4.76
C GLU A 279 -45.17 9.58 -5.81
N THR A 280 -45.94 9.50 -6.90
CA THR A 280 -45.42 9.06 -8.19
C THR A 280 -44.35 10.07 -8.56
N THR A 281 -44.64 11.34 -8.27
CA THR A 281 -43.71 12.44 -8.43
C THR A 281 -42.29 12.01 -8.05
N ARG A 282 -42.07 11.72 -6.78
CA ARG A 282 -40.79 11.22 -6.27
C ARG A 282 -40.14 10.36 -7.33
N PHE A 283 -40.97 9.51 -7.92
CA PHE A 283 -40.57 8.41 -8.80
C PHE A 283 -40.13 8.94 -10.16
N ALA A 284 -41.08 9.40 -10.97
CA ALA A 284 -40.79 9.96 -12.31
C ALA A 284 -39.80 11.16 -12.29
N GLU A 285 -39.25 11.41 -11.10
CA GLU A 285 -38.11 12.28 -10.89
C GLU A 285 -36.87 11.46 -11.06
N ASP A 286 -36.74 10.42 -10.26
CA ASP A 286 -35.62 9.51 -10.42
C ASP A 286 -35.56 8.98 -11.85
N ARG A 287 -36.70 8.50 -12.40
CA ARG A 287 -36.71 7.88 -13.74
C ARG A 287 -36.12 8.82 -14.78
N LEU A 288 -36.54 10.10 -14.66
CA LEU A 288 -36.03 11.22 -15.46
C LEU A 288 -34.54 11.51 -15.22
N GLY A 289 -34.15 11.71 -13.98
CA GLY A 289 -32.75 11.74 -13.64
C GLY A 289 -31.97 10.77 -14.51
N GLU A 290 -32.37 9.51 -14.46
CA GLU A 290 -31.88 8.40 -15.32
C GLU A 290 -32.06 8.59 -16.82
N GLU A 291 -33.30 8.77 -17.28
CA GLU A 291 -33.54 9.01 -18.69
C GLU A 291 -32.58 10.04 -19.28
N ILE A 292 -32.37 11.16 -18.58
CA ILE A 292 -31.56 12.26 -19.12
C ILE A 292 -30.13 11.79 -19.31
N ALA A 293 -29.64 11.11 -18.28
CA ALA A 293 -28.38 10.39 -18.35
C ALA A 293 -28.43 9.45 -19.54
N TYR A 294 -29.43 8.59 -19.60
CA TYR A 294 -29.42 7.56 -20.63
C TYR A 294 -29.29 8.12 -22.04
N GLU A 295 -29.97 9.23 -22.32
CA GLU A 295 -29.86 9.89 -23.62
C GLU A 295 -28.44 10.36 -23.84
N MET A 296 -27.78 10.70 -22.74
CA MET A 296 -26.41 11.21 -22.81
C MET A 296 -25.39 10.15 -22.52
N GLY A 297 -25.82 8.89 -22.55
CA GLY A 297 -24.87 7.80 -22.75
C GLY A 297 -24.22 8.08 -24.10
N GLY A 298 -22.93 8.41 -24.08
CA GLY A 298 -22.26 8.92 -25.28
C GLY A 298 -21.24 9.96 -24.87
N ALA A 299 -21.51 10.61 -23.73
CA ALA A 299 -20.62 11.62 -23.17
C ALA A 299 -20.10 11.25 -21.77
N PHE A 300 -20.98 10.72 -20.94
CA PHE A 300 -20.58 10.39 -19.59
C PHE A 300 -20.07 8.98 -19.50
N SER A 301 -19.14 8.75 -18.60
CA SER A 301 -18.76 7.41 -18.32
C SER A 301 -19.73 6.86 -17.28
N SER A 302 -20.32 7.77 -16.51
CA SER A 302 -21.03 7.37 -15.31
C SER A 302 -22.22 8.23 -14.83
N ALA A 303 -23.04 7.60 -14.00
CA ALA A 303 -24.19 8.26 -13.44
C ALA A 303 -24.45 7.77 -12.02
N LEU A 304 -24.40 8.71 -11.07
CA LEU A 304 -24.84 8.40 -9.72
C LEU A 304 -26.17 9.08 -9.42
N ILE A 305 -27.22 8.44 -9.95
CA ILE A 305 -28.61 8.88 -9.87
C ILE A 305 -29.27 8.44 -8.57
N LYS A 306 -29.99 9.38 -7.97
CA LYS A 306 -30.77 9.15 -6.75
C LYS A 306 -31.84 8.11 -7.09
N HIS A 307 -32.32 7.37 -6.08
CA HIS A 307 -33.25 6.29 -6.36
C HIS A 307 -33.95 5.91 -5.08
N ARG A 308 -34.94 6.71 -4.71
CA ARG A 308 -35.82 6.36 -3.59
C ARG A 308 -36.68 5.15 -3.97
N ILE A 309 -36.94 4.31 -2.96
CA ILE A 309 -37.69 3.06 -3.08
C ILE A 309 -39.18 3.19 -2.76
N PRO A 310 -40.07 3.01 -3.75
CA PRO A 310 -41.52 3.33 -3.63
C PRO A 310 -42.27 2.60 -2.51
N ASN A 311 -43.39 3.17 -2.07
CA ASN A 311 -44.25 2.53 -1.07
C ASN A 311 -45.19 1.54 -1.74
N SER A 312 -45.84 2.06 -2.77
CA SER A 312 -47.09 1.53 -3.31
C SER A 312 -46.89 0.43 -4.32
N LYS A 313 -45.62 0.14 -4.63
CA LYS A 313 -45.22 -0.81 -5.68
C LYS A 313 -44.48 -2.02 -5.12
N ASP A 314 -44.92 -3.20 -5.58
CA ASP A 314 -44.34 -4.48 -5.15
C ASP A 314 -43.10 -4.90 -5.96
N GLU A 315 -43.06 -4.51 -7.24
CA GLU A 315 -41.88 -4.63 -8.09
C GLU A 315 -41.97 -3.61 -9.23
N TYR A 316 -40.88 -2.92 -9.52
CA TYR A 316 -40.88 -1.87 -10.55
C TYR A 316 -39.67 -1.92 -11.46
N HIS A 317 -39.63 -0.99 -12.42
CA HIS A 317 -38.56 -0.92 -13.42
C HIS A 317 -37.69 0.34 -13.42
N CYS A 318 -36.52 0.23 -14.05
CA CYS A 318 -35.55 1.33 -14.17
C CYS A 318 -34.39 0.86 -15.03
N ILE A 319 -33.65 1.82 -15.54
CA ILE A 319 -32.40 1.57 -16.23
C ILE A 319 -31.31 1.79 -15.18
N SER A 320 -30.37 0.85 -15.07
CA SER A 320 -29.33 0.85 -13.98
C SER A 320 -28.14 -0.02 -14.36
N THR A 321 -26.98 0.19 -13.73
CA THR A 321 -25.93 -0.82 -13.80
C THR A 321 -25.94 -1.60 -12.49
N TYR A 322 -25.88 -0.86 -11.37
CA TYR A 322 -26.03 -1.37 -10.00
C TYR A 322 -26.94 -0.53 -9.14
N LEU A 323 -27.33 -1.10 -8.01
CA LEU A 323 -28.11 -0.38 -7.01
C LEU A 323 -27.55 -0.61 -5.64
N PHE A 324 -27.37 0.43 -4.83
CA PHE A 324 -26.81 0.20 -3.51
C PHE A 324 -27.02 1.18 -2.38
N PRO A 325 -26.79 0.67 -1.16
CA PRO A 325 -27.06 1.35 0.08
C PRO A 325 -25.99 2.38 0.27
N GLN A 326 -26.40 3.54 0.73
CA GLN A 326 -25.53 4.68 0.74
C GLN A 326 -25.05 4.73 2.13
N PRO A 327 -23.73 4.92 2.30
CA PRO A 327 -23.06 4.98 3.60
C PRO A 327 -23.44 6.20 4.42
N GLY A 328 -23.52 6.02 5.74
CA GLY A 328 -23.75 7.12 6.69
C GLY A 328 -25.19 7.62 6.58
N ALA A 329 -26.00 6.85 5.86
CA ALA A 329 -27.39 7.20 5.65
C ALA A 329 -28.14 6.68 6.83
N ASP A 330 -29.10 7.48 7.28
CA ASP A 330 -29.96 7.09 8.40
C ASP A 330 -30.56 5.70 8.17
N ALA A 331 -30.82 5.01 9.27
CA ALA A 331 -31.35 3.67 9.21
C ALA A 331 -32.70 3.68 8.53
N ASP A 332 -33.59 4.59 8.92
CA ASP A 332 -34.92 4.69 8.32
C ASP A 332 -34.89 5.16 6.87
N MET A 333 -33.85 5.93 6.54
CA MET A 333 -33.62 6.47 5.20
C MET A 333 -33.75 5.35 4.21
N TYR A 334 -34.81 5.38 3.39
CA TYR A 334 -35.06 4.30 2.41
C TYR A 334 -34.82 4.69 0.94
N GLU A 335 -33.56 4.99 0.66
CA GLU A 335 -33.11 5.55 -0.60
C GLU A 335 -31.73 4.97 -0.92
N LEU A 336 -31.65 4.17 -1.97
CA LEU A 336 -30.36 3.75 -2.46
C LEU A 336 -29.98 4.65 -3.63
N ARG A 337 -28.69 4.74 -3.89
CA ARG A 337 -28.25 5.33 -5.13
C ARG A 337 -28.10 4.28 -6.24
N ASN A 338 -28.34 4.72 -7.47
CA ASN A 338 -28.20 3.86 -8.63
C ASN A 338 -26.96 4.27 -9.37
N PHE A 339 -26.11 3.29 -9.65
CA PHE A 339 -24.98 3.59 -10.48
C PHE A 339 -25.13 3.04 -11.88
N MET A 340 -24.92 3.90 -12.86
CA MET A 340 -24.99 3.50 -14.26
C MET A 340 -23.66 3.79 -14.87
N ARG A 341 -23.02 2.73 -15.36
CA ARG A 341 -21.84 2.89 -16.16
C ARG A 341 -22.36 3.11 -17.55
N LEU A 342 -21.62 3.82 -18.40
CA LEU A 342 -22.10 4.08 -19.73
C LEU A 342 -20.96 4.02 -20.73
N ARG A 343 -21.30 3.91 -22.02
CA ARG A 343 -20.32 4.19 -23.06
C ARG A 343 -20.09 5.71 -23.07
N GLY A 344 -18.83 6.11 -23.16
CA GLY A 344 -18.42 7.52 -23.20
C GLY A 344 -17.04 7.57 -22.60
N TYR A 345 -16.22 8.57 -22.96
CA TYR A 345 -14.79 8.54 -22.58
C TYR A 345 -14.45 8.39 -21.10
N SER A 346 -13.48 7.52 -20.79
CA SER A 346 -13.09 7.27 -19.41
C SER A 346 -11.62 6.86 -19.29
N HIS A 347 -10.95 7.34 -18.26
CA HIS A 347 -9.58 6.90 -17.94
C HIS A 347 -9.52 5.54 -17.21
N VAL A 348 -10.63 5.15 -16.60
CA VAL A 348 -10.77 3.83 -16.01
C VAL A 348 -11.70 2.98 -16.86
N ASP A 349 -11.19 1.84 -17.32
CA ASP A 349 -11.94 0.91 -18.13
C ASP A 349 -12.94 0.23 -17.23
N ARG A 350 -14.22 0.48 -17.49
CA ARG A 350 -15.28 0.00 -16.61
C ARG A 350 -16.14 -1.10 -17.27
N HIS A 351 -15.76 -1.48 -18.50
CA HIS A 351 -16.53 -2.46 -19.28
C HIS A 351 -17.01 -3.68 -18.52
N MET A 352 -16.19 -4.18 -17.61
CA MET A 352 -16.62 -5.27 -16.75
C MET A 352 -17.95 -4.93 -16.08
N HIS A 353 -18.07 -3.74 -15.48
CA HIS A 353 -19.33 -3.28 -14.86
C HIS A 353 -20.31 -3.04 -15.97
N PRO A 354 -21.35 -3.90 -16.07
CA PRO A 354 -22.20 -4.11 -17.26
C PRO A 354 -22.93 -2.87 -17.76
N ASP A 355 -23.03 -2.78 -19.08
CA ASP A 355 -23.60 -1.63 -19.78
C ASP A 355 -25.00 -1.21 -19.27
N ALA A 356 -25.10 -0.23 -18.38
CA ALA A 356 -26.39 0.06 -17.70
C ALA A 356 -27.67 -0.15 -18.52
N SER A 357 -28.48 -1.12 -18.10
CA SER A 357 -29.76 -1.44 -18.79
C SER A 357 -31.00 -1.54 -17.87
N VAL A 358 -32.20 -1.77 -18.46
CA VAL A 358 -33.47 -1.94 -17.70
C VAL A 358 -33.44 -3.07 -16.67
N THR A 359 -34.11 -2.89 -15.54
CA THR A 359 -33.93 -3.74 -14.40
C THR A 359 -35.23 -3.81 -13.65
N LYS A 360 -35.76 -5.02 -13.48
CA LYS A 360 -36.93 -5.25 -12.64
C LYS A 360 -36.49 -5.37 -11.20
N VAL A 361 -37.05 -4.56 -10.30
CA VAL A 361 -36.67 -4.59 -8.86
C VAL A 361 -37.82 -4.96 -7.92
N VAL A 362 -37.56 -5.97 -7.08
CA VAL A 362 -38.53 -6.43 -6.09
C VAL A 362 -38.33 -5.53 -4.90
N SER A 363 -39.24 -4.60 -4.72
CA SER A 363 -39.11 -3.60 -3.67
C SER A 363 -38.61 -4.19 -2.35
N ARG A 364 -39.18 -5.33 -1.95
CA ARG A 364 -38.85 -5.95 -0.66
C ARG A 364 -37.40 -6.45 -0.56
N ASP A 365 -36.88 -7.07 -1.62
CA ASP A 365 -35.46 -7.45 -1.69
C ASP A 365 -34.57 -6.19 -1.53
N VAL A 366 -35.09 -5.04 -1.95
CA VAL A 366 -34.37 -3.78 -1.82
C VAL A 366 -34.57 -3.20 -0.44
N ARG A 367 -35.73 -3.52 0.11
CA ARG A 367 -36.14 -3.10 1.43
C ARG A 367 -35.16 -3.71 2.40
N LYS A 368 -35.04 -5.04 2.34
CA LYS A 368 -34.06 -5.77 3.15
C LYS A 368 -32.70 -5.15 2.94
N MET A 369 -32.48 -4.60 1.77
CA MET A 369 -31.14 -4.18 1.44
C MET A 369 -30.69 -3.00 2.29
N VAL A 370 -31.55 -2.00 2.39
CA VAL A 370 -31.41 -0.91 3.33
C VAL A 370 -31.26 -1.42 4.76
N GLU A 371 -32.01 -2.46 5.07
CA GLU A 371 -32.13 -2.96 6.44
C GLU A 371 -30.82 -3.54 7.00
N LEU A 372 -29.96 -4.06 6.14
CA LEU A 372 -28.70 -4.63 6.61
C LEU A 372 -27.54 -3.63 6.65
N TYR A 373 -27.57 -2.62 5.78
CA TYR A 373 -26.38 -1.79 5.47
C TYR A 373 -26.48 -0.29 5.77
N HIS A 374 -27.71 0.18 5.90
CA HIS A 374 -27.97 1.54 6.34
C HIS A 374 -27.94 1.67 7.86
N GLY A 375 -27.71 2.88 8.32
CA GLY A 375 -27.65 3.16 9.73
C GLY A 375 -26.60 4.20 9.98
N ARG A 376 -27.00 5.28 10.66
CA ARG A 376 -26.13 6.43 10.81
C ARG A 376 -24.77 5.97 11.31
N ASP A 377 -24.74 5.04 12.26
CA ASP A 377 -23.46 4.60 12.83
C ASP A 377 -22.74 3.49 12.05
N ARG A 378 -23.02 3.45 10.74
CA ARG A 378 -22.38 2.52 9.81
C ARG A 378 -21.89 3.26 8.57
N GLY A 379 -21.38 2.48 7.61
CA GLY A 379 -21.04 2.96 6.26
C GLY A 379 -19.56 3.01 5.85
N ARG A 380 -18.67 3.04 6.84
CA ARG A 380 -17.25 3.24 6.57
C ARG A 380 -16.73 2.27 5.51
N PHE A 381 -16.84 0.96 5.77
CA PHE A 381 -16.37 -0.07 4.81
C PHE A 381 -17.25 -0.21 3.56
N LEU A 382 -18.56 -0.15 3.76
CA LEU A 382 -19.39 -0.02 2.60
C LEU A 382 -18.68 1.01 1.69
N LYS A 383 -18.51 2.24 2.17
CA LYS A 383 -17.97 3.29 1.31
C LYS A 383 -16.72 2.85 0.57
N LYS A 384 -15.78 2.24 1.31
CA LYS A 384 -14.56 1.73 0.72
C LYS A 384 -14.86 0.85 -0.49
N ARG A 385 -15.48 -0.30 -0.24
CA ARG A 385 -15.73 -1.25 -1.32
C ARG A 385 -16.59 -0.67 -2.49
N LEU A 386 -17.39 0.34 -2.20
CA LEU A 386 -18.14 1.02 -3.23
C LEU A 386 -17.10 1.71 -4.10
N PHE A 387 -16.30 2.52 -3.43
CA PHE A 387 -15.25 3.25 -4.07
C PHE A 387 -14.28 2.34 -4.75
N GLU A 388 -13.71 1.41 -3.98
CA GLU A 388 -12.81 0.37 -4.50
C GLU A 388 -13.37 -0.34 -5.74
N HIS A 389 -14.63 -0.75 -5.67
CA HIS A 389 -15.20 -1.57 -6.73
C HIS A 389 -15.44 -0.70 -7.93
N LEU A 390 -15.84 0.52 -7.70
CA LEU A 390 -16.17 1.35 -8.82
C LEU A 390 -14.98 1.66 -9.71
N HIS A 391 -13.80 1.84 -9.10
CA HIS A 391 -12.67 2.48 -9.81
C HIS A 391 -11.39 1.64 -9.98
N ILE A 392 -11.37 0.44 -9.43
CA ILE A 392 -10.33 -0.54 -9.75
C ILE A 392 -10.84 -1.44 -10.91
N VAL A 393 -9.94 -1.81 -11.80
CA VAL A 393 -10.31 -2.73 -12.88
C VAL A 393 -10.14 -4.20 -12.43
N ARG A 394 -11.26 -4.93 -12.39
CA ARG A 394 -11.25 -6.27 -11.79
C ARG A 394 -10.46 -7.27 -12.62
N LYS A 395 -9.16 -7.33 -12.31
CA LYS A 395 -8.20 -8.18 -13.02
C LYS A 395 -7.25 -8.76 -11.97
N ASN A 396 -6.73 -9.96 -12.29
CA ASN A 396 -5.86 -10.73 -11.40
C ASN A 396 -4.38 -10.89 -11.80
N GLY A 397 -3.51 -10.29 -11.00
CA GLY A 397 -2.05 -10.26 -11.20
C GLY A 397 -1.32 -11.52 -11.66
N LEU A 398 -1.31 -12.55 -10.83
CA LEU A 398 -0.62 -13.80 -11.16
C LEU A 398 -0.99 -14.21 -12.56
N LEU A 399 -2.23 -13.92 -12.97
CA LEU A 399 -2.78 -14.38 -14.26
C LEU A 399 -2.66 -13.37 -15.43
N HIS A 400 -2.57 -12.10 -15.09
CA HIS A 400 -2.52 -11.03 -16.08
C HIS A 400 -1.16 -10.77 -16.75
N GLU A 401 -1.22 -10.67 -18.09
CA GLU A 401 -0.07 -10.35 -18.96
C GLU A 401 -0.07 -8.89 -19.45
N SER A 402 0.93 -8.15 -18.98
CA SER A 402 1.07 -6.70 -19.20
C SER A 402 2.04 -6.30 -20.35
N ASP A 403 1.61 -5.32 -21.13
CA ASP A 403 2.42 -4.77 -22.21
C ASP A 403 3.30 -3.64 -21.66
N GLU A 404 3.02 -3.21 -20.44
CA GLU A 404 3.62 -2.02 -19.88
C GLU A 404 4.23 -2.44 -18.57
N PRO A 405 4.93 -1.51 -17.86
CA PRO A 405 5.54 -1.91 -16.60
C PRO A 405 4.53 -1.85 -15.45
N ARG A 406 4.72 -2.71 -14.47
CA ARG A 406 3.71 -3.01 -13.49
C ARG A 406 4.31 -3.01 -12.07
N ALA A 407 3.45 -2.81 -11.07
CA ALA A 407 3.81 -2.92 -9.65
C ALA A 407 2.90 -3.87 -8.82
N ASP A 408 3.52 -4.66 -7.95
CA ASP A 408 2.84 -5.81 -7.36
C ASP A 408 2.93 -5.96 -5.82
N LEU A 409 2.17 -5.12 -5.14
CA LEU A 409 2.47 -4.87 -3.77
C LEU A 409 1.49 -5.47 -2.83
N PHE A 410 2.01 -6.14 -1.80
CA PHE A 410 1.23 -6.50 -0.61
C PHE A 410 -0.09 -7.22 -0.98
N TYR A 411 0.01 -8.13 -1.95
CA TYR A 411 -1.13 -8.91 -2.36
C TYR A 411 -0.69 -10.27 -2.82
N LEU A 412 0.59 -10.38 -3.16
CA LEU A 412 1.13 -11.58 -3.79
C LEU A 412 1.10 -12.81 -2.90
N THR A 413 1.53 -12.62 -1.66
CA THR A 413 1.68 -13.71 -0.71
C THR A 413 0.43 -13.89 0.15
N ASN A 414 -0.70 -13.41 -0.36
CA ASN A 414 -2.01 -13.53 0.32
C ASN A 414 -2.51 -14.96 0.32
N ARG A 415 -3.33 -15.32 1.31
CA ARG A 415 -3.65 -16.73 1.52
C ARG A 415 -4.48 -17.35 0.40
N CYS A 416 -5.07 -16.52 -0.45
CA CYS A 416 -5.84 -16.99 -1.62
C CYS A 416 -4.96 -17.60 -2.68
N ASN A 417 -3.73 -17.09 -2.76
CA ASN A 417 -2.77 -17.45 -3.79
C ASN A 417 -1.96 -18.69 -3.44
N MET A 418 -2.40 -19.42 -2.45
CA MET A 418 -1.56 -20.43 -1.81
C MET A 418 -1.12 -21.51 -2.76
N GLY A 419 0.14 -21.89 -2.66
CA GLY A 419 0.71 -22.96 -3.48
C GLY A 419 0.98 -22.66 -4.94
N LEU A 420 0.55 -21.51 -5.43
CA LEU A 420 0.83 -21.15 -6.82
C LEU A 420 2.15 -20.37 -6.91
N GLU A 421 3.14 -20.79 -6.11
CA GLU A 421 4.45 -20.14 -6.08
C GLU A 421 5.02 -19.81 -7.44
N PRO A 422 5.17 -20.83 -8.30
CA PRO A 422 5.78 -20.62 -9.62
C PRO A 422 5.46 -19.26 -10.25
N SER A 423 4.18 -18.99 -10.46
CA SER A 423 3.70 -17.72 -11.01
C SER A 423 4.25 -16.52 -10.23
N ILE A 424 4.09 -16.56 -8.92
CA ILE A 424 4.63 -15.52 -8.06
C ILE A 424 6.06 -15.12 -8.43
N TYR A 425 6.96 -16.08 -8.52
CA TYR A 425 8.33 -15.75 -8.94
C TYR A 425 8.40 -15.11 -10.34
N GLU A 426 7.59 -15.64 -11.27
CA GLU A 426 7.58 -15.19 -12.65
C GLU A 426 7.21 -13.75 -12.60
N VAL A 427 6.31 -13.41 -11.69
CA VAL A 427 5.93 -12.01 -11.53
C VAL A 427 7.20 -11.26 -11.17
N MET A 428 7.71 -11.55 -9.98
CA MET A 428 8.89 -10.91 -9.41
C MET A 428 10.12 -10.89 -10.37
N LYS A 429 10.12 -11.76 -11.37
CA LYS A 429 11.16 -11.80 -12.39
C LYS A 429 11.06 -10.60 -13.33
N LYS A 430 9.93 -9.91 -13.30
CA LYS A 430 9.73 -8.82 -14.25
C LYS A 430 8.85 -7.69 -13.74
N SER A 431 8.65 -7.63 -12.44
CA SER A 431 7.86 -6.52 -11.94
C SER A 431 8.85 -5.46 -11.65
N VAL A 432 8.47 -4.22 -11.95
CA VAL A 432 9.22 -3.08 -11.44
C VAL A 432 9.44 -3.33 -9.98
N ILE A 433 8.36 -3.35 -9.21
CA ILE A 433 8.45 -3.54 -7.77
C ILE A 433 7.32 -4.38 -7.26
N ALA A 434 7.67 -5.49 -6.63
CA ALA A 434 6.69 -6.34 -6.01
C ALA A 434 7.22 -6.77 -4.65
N THR A 435 6.37 -7.41 -3.84
CA THR A 435 6.74 -7.76 -2.46
C THR A 435 6.07 -9.01 -1.90
N ALA A 436 6.86 -9.81 -1.20
CA ALA A 436 6.43 -11.09 -0.62
C ALA A 436 6.67 -11.20 0.89
N TRP A 437 5.69 -11.76 1.59
CA TRP A 437 5.83 -12.00 3.03
C TRP A 437 6.90 -13.04 3.28
N VAL A 438 7.74 -12.83 4.29
CA VAL A 438 8.74 -13.83 4.56
C VAL A 438 8.82 -14.19 6.03
N GLY A 439 8.18 -13.38 6.86
CA GLY A 439 8.25 -13.52 8.31
C GLY A 439 7.61 -14.77 8.85
N ARG A 440 8.32 -15.42 9.75
CA ARG A 440 7.93 -16.72 10.26
C ARG A 440 7.28 -16.55 11.61
N ALA A 441 6.67 -15.39 11.86
CA ALA A 441 6.12 -15.05 13.18
C ALA A 441 4.58 -15.19 13.25
N PRO A 442 3.95 -14.99 14.43
CA PRO A 442 2.58 -15.53 14.70
C PRO A 442 1.30 -15.16 13.88
N LEU A 443 1.29 -14.15 13.01
CA LEU A 443 1.71 -12.78 13.29
C LEU A 443 0.48 -11.98 12.86
N TYR A 444 -0.38 -11.79 13.87
CA TYR A 444 -1.49 -10.84 13.94
C TYR A 444 -1.54 -9.70 12.93
N ASP A 445 -2.77 -9.26 12.65
CA ASP A 445 -3.07 -8.20 11.67
C ASP A 445 -2.72 -8.51 10.21
N TYR A 446 -1.74 -9.39 9.99
CA TYR A 446 -1.39 -9.78 8.62
C TYR A 446 -1.71 -11.25 8.29
N ASP A 447 -2.35 -11.47 7.12
CA ASP A 447 -2.97 -12.74 6.77
C ASP A 447 -2.23 -13.59 5.73
N ASP A 448 -1.03 -13.17 5.37
CA ASP A 448 -0.28 -13.85 4.31
C ASP A 448 0.41 -15.11 4.85
N PHE A 449 1.13 -15.81 3.98
CA PHE A 449 2.04 -16.87 4.40
C PHE A 449 3.40 -16.35 3.97
N ALA A 450 4.45 -17.16 4.12
CA ALA A 450 5.78 -16.67 3.76
C ALA A 450 6.55 -17.67 2.93
N LEU A 451 7.55 -17.15 2.21
CA LEU A 451 8.33 -17.95 1.31
C LEU A 451 9.63 -18.29 1.97
N PRO A 452 10.14 -19.50 1.74
CA PRO A 452 11.47 -19.79 2.27
C PRO A 452 12.45 -18.75 1.77
N ARG A 453 13.30 -18.22 2.66
CA ARG A 453 14.10 -17.04 2.30
C ARG A 453 15.14 -17.39 1.24
N SER A 454 15.96 -18.38 1.56
CA SER A 454 16.75 -19.15 0.62
C SER A 454 16.10 -19.21 -0.78
N THR A 455 14.92 -19.83 -0.86
CA THR A 455 14.20 -19.95 -2.14
C THR A 455 13.96 -18.58 -2.75
N VAL A 456 13.56 -17.63 -1.93
CA VAL A 456 13.42 -16.32 -2.48
C VAL A 456 14.77 -15.88 -3.02
N MET A 457 15.79 -15.85 -2.16
CA MET A 457 17.11 -15.37 -2.57
C MET A 457 17.67 -15.88 -3.87
N LEU A 458 17.37 -17.14 -4.15
CA LEU A 458 17.87 -17.83 -5.33
C LEU A 458 17.04 -17.66 -6.62
N ASN A 459 15.70 -17.70 -6.50
CA ASN A 459 14.86 -17.58 -7.70
C ASN A 459 14.86 -16.13 -8.10
N GLY A 460 14.93 -15.29 -7.05
CA GLY A 460 14.54 -13.89 -7.12
C GLY A 460 15.54 -13.01 -7.81
N SER A 461 16.79 -13.09 -7.34
CA SER A 461 17.92 -12.33 -7.89
C SER A 461 18.16 -12.65 -9.35
N TYR A 462 18.05 -11.62 -10.19
CA TYR A 462 18.40 -11.72 -11.61
C TYR A 462 19.32 -10.57 -11.91
N ARG A 463 19.77 -10.48 -13.16
CA ARG A 463 20.60 -9.36 -13.63
C ARG A 463 19.85 -8.05 -13.39
N ASP A 464 18.63 -8.01 -13.92
CA ASP A 464 17.78 -6.85 -13.81
C ASP A 464 17.01 -6.74 -12.49
N ILE A 465 16.84 -7.86 -11.78
CA ILE A 465 15.96 -7.85 -10.61
C ILE A 465 16.71 -7.98 -9.32
N ARG A 466 16.65 -6.90 -8.54
CA ARG A 466 17.33 -6.79 -7.25
C ARG A 466 16.41 -7.35 -6.14
N ILE A 467 16.94 -8.15 -5.22
CA ILE A 467 16.07 -8.98 -4.35
C ILE A 467 16.23 -8.78 -2.83
N LEU A 468 15.92 -7.58 -2.35
CA LEU A 468 16.21 -7.29 -0.94
C LEU A 468 15.07 -7.54 0.03
N ASP A 469 15.40 -7.65 1.32
CA ASP A 469 14.40 -7.56 2.37
C ASP A 469 13.94 -6.10 2.45
N GLY A 470 12.80 -5.89 3.10
CA GLY A 470 12.15 -4.57 3.07
C GLY A 470 13.11 -3.49 3.49
N ASN A 471 13.79 -3.74 4.61
CA ASN A 471 14.69 -2.75 5.16
C ASN A 471 15.79 -2.47 4.17
N GLY A 472 16.37 -3.55 3.68
CA GLY A 472 17.42 -3.47 2.67
C GLY A 472 17.04 -2.56 1.53
N ALA A 473 15.84 -2.80 1.00
CA ALA A 473 15.28 -1.98 -0.07
C ALA A 473 15.15 -0.52 0.34
N ILE A 474 14.52 -0.27 1.49
CA ILE A 474 14.36 1.11 1.98
C ILE A 474 15.73 1.81 1.96
N LEU A 475 16.69 1.15 2.59
CA LEU A 475 18.06 1.65 2.60
C LEU A 475 18.55 1.96 1.20
N PHE A 476 18.45 0.98 0.31
CA PHE A 476 18.81 1.17 -1.06
C PHE A 476 18.11 2.38 -1.72
N LEU A 477 16.79 2.49 -1.60
CA LEU A 477 16.08 3.56 -2.29
C LEU A 477 16.51 4.88 -1.72
N MET A 478 16.94 4.87 -0.46
CA MET A 478 17.40 6.11 0.16
C MET A 478 18.67 6.56 -0.52
N TRP A 479 19.48 5.58 -0.86
CA TRP A 479 20.84 5.75 -1.35
C TRP A 479 20.87 6.00 -2.83
N ARG A 480 19.92 5.44 -3.55
CA ARG A 480 19.87 5.60 -4.99
C ARG A 480 18.92 6.73 -5.40
N TYR A 481 17.70 6.71 -4.85
CA TYR A 481 16.70 7.74 -5.12
C TYR A 481 16.42 8.62 -3.90
N PRO A 482 17.45 9.37 -3.43
CA PRO A 482 17.33 10.11 -2.18
C PRO A 482 16.08 10.99 -2.01
N ASP A 483 15.40 11.38 -3.09
CA ASP A 483 14.13 12.09 -2.91
C ASP A 483 12.90 11.42 -3.47
N ILE A 484 12.93 10.10 -3.47
CA ILE A 484 11.70 9.34 -3.38
C ILE A 484 11.60 8.92 -1.91
N VAL A 485 12.75 8.60 -1.33
CA VAL A 485 12.80 8.16 0.04
C VAL A 485 13.77 8.99 0.88
N LYS A 486 13.21 9.96 1.61
CA LYS A 486 14.04 10.89 2.36
C LYS A 486 14.70 10.06 3.40
N LYS A 487 15.87 10.49 3.88
CA LYS A 487 16.57 9.76 4.95
C LYS A 487 15.75 9.76 6.24
N ASP A 488 15.00 10.84 6.43
CA ASP A 488 14.23 11.08 7.65
C ASP A 488 12.93 10.24 7.78
N LEU A 489 12.25 9.98 6.66
CA LEU A 489 11.12 9.06 6.66
C LEU A 489 11.11 8.11 7.86
N THR A 490 10.06 8.18 8.67
CA THR A 490 9.89 7.23 9.75
C THR A 490 9.35 5.88 9.24
N TYR A 491 10.02 4.77 9.54
CA TYR A 491 9.48 3.40 9.30
C TYR A 491 10.01 2.41 10.32
N ASP A 492 9.37 1.25 10.44
CA ASP A 492 9.86 0.26 11.41
C ASP A 492 10.63 -0.90 10.77
N PRO A 493 11.99 -0.85 10.81
CA PRO A 493 12.85 -1.80 10.10
C PRO A 493 12.58 -3.26 10.45
N ALA A 494 12.15 -3.53 11.68
CA ALA A 494 11.81 -4.88 12.13
C ALA A 494 10.82 -5.44 11.13
N TRP A 495 9.62 -4.86 11.15
CA TRP A 495 8.55 -5.18 10.23
C TRP A 495 9.01 -5.08 8.77
N ALA A 496 9.75 -4.03 8.45
CA ALA A 496 10.14 -3.89 7.06
C ALA A 496 10.80 -5.18 6.61
N MET A 497 11.38 -5.91 7.56
CA MET A 497 12.11 -7.14 7.22
C MET A 497 11.27 -8.44 7.23
N ASN A 498 9.95 -8.29 7.38
CA ASN A 498 9.06 -9.40 7.19
C ASN A 498 8.68 -9.44 5.72
N PHE A 499 9.17 -8.43 4.99
CA PHE A 499 8.90 -8.37 3.57
C PHE A 499 10.06 -8.66 2.67
N ALA A 500 9.78 -9.34 1.55
CA ALA A 500 10.76 -9.50 0.47
C ALA A 500 10.40 -8.55 -0.66
N VAL A 501 11.37 -7.72 -1.04
CA VAL A 501 11.17 -6.71 -2.07
C VAL A 501 12.04 -7.01 -3.26
N SER A 502 11.44 -6.95 -4.44
CA SER A 502 12.13 -7.10 -5.72
C SER A 502 12.07 -5.75 -6.46
N LEU A 503 13.17 -5.37 -7.13
CA LEU A 503 13.19 -4.12 -7.94
C LEU A 503 13.92 -4.27 -9.26
N LYS A 504 13.28 -3.83 -10.33
CA LYS A 504 13.92 -3.76 -11.66
C LYS A 504 14.95 -2.64 -11.58
N GLU A 505 16.20 -3.07 -11.41
CA GLU A 505 17.29 -2.28 -10.83
C GLU A 505 18.69 -2.84 -11.07
N PRO A 506 19.40 -2.23 -12.02
CA PRO A 506 20.82 -2.44 -12.27
C PRO A 506 21.65 -2.61 -11.01
N ILE A 507 22.53 -3.61 -11.01
CA ILE A 507 23.57 -3.72 -10.00
C ILE A 507 24.48 -2.51 -10.17
N PRO A 508 24.83 -1.86 -9.05
CA PRO A 508 25.80 -0.79 -9.08
C PRO A 508 27.12 -1.14 -9.77
N ASP A 509 27.57 -0.17 -10.55
CA ASP A 509 28.93 -0.08 -10.99
C ASP A 509 29.43 1.14 -10.26
N PRO A 510 30.35 0.95 -9.30
CA PRO A 510 30.91 -0.31 -8.85
C PRO A 510 30.05 -0.95 -7.75
N PRO A 511 30.05 -2.29 -7.68
CA PRO A 511 29.17 -3.05 -6.80
C PRO A 511 29.44 -2.87 -5.31
N VAL A 512 29.92 -1.68 -4.94
CA VAL A 512 30.19 -1.31 -3.54
C VAL A 512 29.25 -1.96 -2.53
N PRO A 513 29.78 -2.59 -1.47
CA PRO A 513 28.98 -3.39 -0.55
C PRO A 513 28.18 -2.58 0.52
N ASP A 514 27.33 -1.67 0.03
CA ASP A 514 26.52 -0.79 0.87
C ASP A 514 25.55 -1.52 1.80
N ILE A 515 25.40 -0.98 3.00
CA ILE A 515 24.42 -1.48 3.97
C ILE A 515 23.14 -2.00 3.31
N SER A 516 22.59 -1.24 2.37
CA SER A 516 21.36 -1.64 1.73
C SER A 516 21.44 -3.09 1.31
N LEU A 517 22.66 -3.54 1.00
CA LEU A 517 22.95 -4.94 0.70
C LEU A 517 23.57 -5.74 1.89
N CYS A 518 24.58 -5.14 2.50
CA CYS A 518 25.38 -5.87 3.47
C CYS A 518 25.16 -5.50 4.93
N ARG A 519 24.14 -6.14 5.51
CA ARG A 519 23.80 -5.96 6.92
C ARG A 519 24.14 -7.18 7.77
N PHE A 520 23.50 -8.31 7.44
CA PHE A 520 23.73 -9.62 8.10
C PHE A 520 23.84 -9.60 9.61
N ILE A 521 22.72 -9.32 10.26
CA ILE A 521 22.69 -9.14 11.70
C ILE A 521 22.50 -10.44 12.51
N GLY A 522 23.47 -10.69 13.39
CA GLY A 522 23.46 -11.86 14.28
C GLY A 522 23.83 -13.14 13.58
N LEU A 523 24.58 -13.00 12.49
CA LEU A 523 24.91 -14.14 11.69
C LEU A 523 25.73 -15.11 12.52
N ARG A 524 26.39 -14.61 13.56
CA ARG A 524 27.11 -15.52 14.40
C ARG A 524 26.21 -16.36 15.29
N VAL A 525 25.25 -15.72 15.96
CA VAL A 525 24.22 -16.43 16.75
C VAL A 525 23.43 -17.35 15.82
N GLU A 526 23.19 -16.84 14.60
CA GLU A 526 22.60 -17.58 13.51
C GLU A 526 23.32 -18.83 13.09
N SER A 527 24.64 -18.75 13.08
CA SER A 527 25.48 -19.84 12.61
C SER A 527 25.51 -20.97 13.59
N SER A 528 25.68 -20.66 14.87
CA SER A 528 25.94 -21.70 15.89
C SER A 528 24.71 -22.51 16.23
N VAL A 529 23.56 -21.85 16.17
CA VAL A 529 22.28 -22.52 16.19
C VAL A 529 22.21 -23.60 15.08
N LEU A 530 22.68 -23.25 13.91
CA LEU A 530 22.76 -24.18 12.81
C LEU A 530 23.41 -25.44 13.29
N ARG A 531 24.67 -25.31 13.68
CA ARG A 531 25.55 -26.41 13.98
C ARG A 531 25.02 -27.33 15.08
N VAL A 532 24.18 -26.82 15.98
CA VAL A 532 23.72 -27.66 17.07
C VAL A 532 22.39 -28.37 16.76
N ARG A 533 21.74 -27.95 15.69
CA ARG A 533 20.42 -28.47 15.35
C ARG A 533 20.44 -29.29 14.06
N ASN A 534 21.14 -28.75 13.06
CA ASN A 534 21.39 -29.45 11.79
C ASN A 534 22.79 -29.08 11.29
N PRO A 535 23.82 -29.79 11.75
CA PRO A 535 25.19 -29.47 11.38
C PRO A 535 25.60 -30.03 10.02
N THR A 536 26.89 -30.34 9.87
CA THR A 536 27.50 -30.62 8.57
C THR A 536 28.92 -31.26 8.66
N ASP A 550 36.20 -17.27 6.08
CA ASP A 550 34.94 -17.92 6.44
C ASP A 550 33.92 -17.70 5.34
N LEU A 551 34.23 -16.72 4.50
CA LEU A 551 33.45 -16.32 3.32
C LEU A 551 32.78 -17.48 2.58
N SER A 552 33.44 -18.65 2.54
CA SER A 552 32.85 -19.87 1.99
C SER A 552 31.61 -20.29 2.79
N GLY A 553 31.80 -20.63 4.07
CA GLY A 553 30.69 -20.92 5.00
C GLY A 553 29.72 -19.75 5.26
N HIS A 554 30.25 -18.54 5.26
CA HIS A 554 29.42 -17.34 5.46
C HIS A 554 28.19 -17.39 4.61
N LEU A 555 28.37 -17.95 3.43
CA LEU A 555 27.34 -18.01 2.42
C LEU A 555 26.31 -19.11 2.73
N TYR A 556 26.82 -20.24 3.22
CA TYR A 556 25.99 -21.39 3.49
C TYR A 556 24.98 -21.05 4.57
N VAL A 557 25.41 -20.21 5.50
CA VAL A 557 24.56 -19.87 6.63
C VAL A 557 23.36 -19.05 6.15
N THR A 558 23.61 -17.86 5.64
CA THR A 558 22.59 -17.03 4.98
C THR A 558 21.41 -17.79 4.38
N LEU A 559 21.72 -18.97 3.83
CA LEU A 559 20.75 -19.81 3.13
C LEU A 559 20.15 -20.82 4.06
N MET A 560 21.01 -21.58 4.73
CA MET A 560 20.53 -22.47 5.72
C MET A 560 19.62 -21.73 6.71
N SER A 561 19.97 -20.51 7.13
CA SER A 561 19.21 -19.80 8.18
C SER A 561 17.82 -19.36 7.76
N GLY A 562 17.70 -18.99 6.48
CA GLY A 562 16.52 -18.31 6.02
C GLY A 562 16.14 -17.31 7.09
N ALA A 563 17.15 -16.61 7.60
CA ALA A 563 16.96 -15.47 8.44
C ALA A 563 17.07 -14.27 7.51
N TYR A 564 17.74 -14.46 6.38
CA TYR A 564 18.18 -13.35 5.56
C TYR A 564 17.71 -13.43 4.12
N VAL A 565 17.37 -12.26 3.58
CA VAL A 565 17.00 -12.06 2.16
C VAL A 565 17.80 -10.90 1.55
N THR A 566 18.86 -11.27 0.84
CA THR A 566 19.75 -10.29 0.20
C THR A 566 19.94 -10.54 -1.33
N ASP A 567 20.50 -9.57 -2.05
CA ASP A 567 20.66 -9.80 -3.46
C ASP A 567 21.92 -10.57 -3.78
N LEU A 568 21.79 -11.89 -3.85
CA LEU A 568 22.88 -12.81 -4.25
C LEU A 568 23.81 -12.28 -5.35
N PHE A 569 23.30 -12.24 -6.58
CA PHE A 569 23.97 -11.66 -7.75
C PHE A 569 24.90 -10.49 -7.38
N TRP A 570 24.28 -9.40 -6.93
CA TRP A 570 25.04 -8.19 -6.63
C TRP A 570 26.14 -8.47 -5.58
N TRP A 571 25.73 -9.01 -4.45
CA TRP A 571 26.68 -9.44 -3.46
C TRP A 571 27.79 -10.25 -4.13
N PHE A 572 27.46 -11.32 -4.85
CA PHE A 572 28.48 -12.02 -5.62
C PHE A 572 29.36 -11.00 -6.29
N LYS A 573 28.80 -10.30 -7.28
CA LYS A 573 29.57 -9.40 -8.13
C LYS A 573 30.40 -8.39 -7.35
N MET A 574 30.00 -8.10 -6.11
CA MET A 574 30.79 -7.20 -5.28
C MET A 574 32.05 -7.89 -4.77
N ILE A 575 31.94 -9.18 -4.45
CA ILE A 575 33.09 -9.96 -3.98
C ILE A 575 34.17 -10.00 -5.04
N LEU A 576 33.94 -10.73 -6.12
CA LEU A 576 35.01 -11.10 -7.05
C LEU A 576 35.54 -9.94 -7.88
N ASP A 577 34.62 -9.10 -8.36
CA ASP A 577 34.96 -7.92 -9.13
C ASP A 577 35.45 -6.80 -8.24
N TRP A 578 35.03 -6.79 -6.98
CA TRP A 578 35.31 -5.64 -6.10
C TRP A 578 36.27 -5.79 -4.87
N SER A 579 36.18 -6.89 -4.11
CA SER A 579 36.90 -7.03 -2.80
C SER A 579 37.55 -8.40 -2.53
N ALA A 580 38.87 -8.48 -2.59
CA ALA A 580 39.74 -7.38 -3.01
C ALA A 580 39.89 -7.57 -4.52
N GLN A 581 40.64 -6.74 -5.25
CA GLN A 581 41.01 -5.31 -5.01
C GLN A 581 41.76 -4.83 -3.77
N ASN A 582 41.56 -3.56 -3.43
CA ASN A 582 42.51 -2.82 -2.60
C ASN A 582 41.91 -1.93 -1.53
N ARG A 583 42.40 -2.09 -0.30
CA ARG A 583 42.13 -1.17 0.80
C ARG A 583 42.27 0.28 0.34
N GLU A 584 43.37 0.55 -0.35
CA GLU A 584 43.63 1.86 -0.90
C GLU A 584 42.61 2.31 -1.96
N GLN A 585 42.60 1.57 -3.08
CA GLN A 585 41.79 1.87 -4.28
C GLN A 585 40.28 1.67 -4.13
N LYS A 586 39.85 1.11 -3.00
CA LYS A 586 38.42 0.77 -2.83
C LYS A 586 37.71 1.52 -1.67
N LEU A 587 37.89 2.93 -1.71
CA LEU A 587 37.21 3.73 -0.64
C LEU A 587 37.38 5.27 -0.54
N ARG A 588 37.88 6.01 -1.55
CA ARG A 588 37.78 5.79 -3.00
C ARG A 588 36.38 5.36 -3.41
N ASP A 589 36.24 4.27 -4.16
CA ASP A 589 34.96 4.00 -4.87
C ASP A 589 33.72 3.76 -3.97
N LEU A 590 33.90 4.00 -2.68
CA LEU A 590 32.78 4.21 -1.78
C LEU A 590 32.43 5.68 -1.81
N LYS A 591 33.38 6.50 -1.32
CA LYS A 591 33.20 7.94 -1.07
C LYS A 591 31.83 8.65 -1.36
N ARG A 592 31.48 9.13 -2.58
CA ARG A 592 31.95 8.86 -3.97
C ARG A 592 30.75 8.21 -4.66
N SER A 593 30.49 6.95 -4.31
CA SER A 593 29.22 6.28 -4.60
C SER A 593 28.28 6.59 -3.42
N ALA A 594 28.71 7.52 -2.56
CA ALA A 594 28.00 7.91 -1.33
C ALA A 594 27.47 6.72 -0.56
N ALA A 595 28.17 5.60 -0.69
CA ALA A 595 27.77 4.36 -0.07
C ALA A 595 28.09 4.36 1.42
N GLU A 596 27.70 3.30 2.13
CA GLU A 596 28.22 2.99 3.49
C GLU A 596 27.93 1.60 4.07
N VAL A 597 28.70 1.24 5.09
CA VAL A 597 28.92 -0.16 5.50
C VAL A 597 28.72 -0.41 7.02
N ILE A 598 28.77 -1.68 7.47
CA ILE A 598 28.98 -2.00 8.92
C ILE A 598 30.02 -3.07 9.35
N GLU A 599 30.36 -4.04 8.50
CA GLU A 599 31.50 -4.92 8.81
C GLU A 599 32.77 -4.40 8.10
N TRP A 600 33.82 -4.19 8.89
CA TRP A 600 35.09 -3.79 8.35
C TRP A 600 36.22 -4.72 8.89
N VAL A 611 38.88 -17.66 -4.84
CA VAL A 611 37.57 -17.48 -4.02
C VAL A 611 36.27 -17.97 -4.71
N ARG A 612 36.32 -18.14 -6.04
CA ARG A 612 35.20 -18.72 -6.81
C ARG A 612 34.92 -20.17 -6.38
N ASN A 613 36.01 -20.86 -6.03
CA ASN A 613 36.05 -22.24 -5.57
C ASN A 613 35.37 -22.43 -4.20
N ASP A 614 35.35 -21.36 -3.41
CA ASP A 614 34.74 -21.38 -2.08
C ASP A 614 33.24 -21.47 -2.22
N LEU A 615 32.71 -20.46 -2.88
CA LEU A 615 31.28 -20.24 -2.93
C LEU A 615 30.58 -21.45 -3.57
N ILE A 616 31.14 -21.96 -4.66
CA ILE A 616 30.53 -23.08 -5.40
C ILE A 616 30.35 -24.32 -4.53
N ALA A 617 31.18 -24.44 -3.48
CA ALA A 617 31.04 -25.54 -2.51
C ALA A 617 29.83 -25.25 -1.64
N ALA A 618 29.73 -24.00 -1.20
CA ALA A 618 28.61 -23.57 -0.40
C ALA A 618 27.36 -24.13 -1.04
N LEU A 619 27.21 -23.81 -2.31
CA LEU A 619 26.05 -24.16 -3.08
C LEU A 619 25.83 -25.68 -3.07
N ARG A 620 26.88 -26.39 -3.49
CA ARG A 620 26.89 -27.87 -3.53
C ARG A 620 26.37 -28.40 -2.22
N GLU A 621 27.00 -27.98 -1.12
CA GLU A 621 26.66 -28.45 0.20
C GLU A 621 25.21 -28.14 0.50
N TYR A 622 24.78 -26.93 0.12
CA TYR A 622 23.46 -26.51 0.48
C TYR A 622 22.39 -27.43 -0.13
N LYS A 623 22.48 -27.64 -1.45
CA LYS A 623 21.57 -28.53 -2.18
C LYS A 623 21.88 -30.00 -1.93
N ARG A 624 23.05 -30.27 -1.34
CA ARG A 624 23.37 -31.59 -0.88
C ARG A 624 22.38 -31.86 0.24
N LYS A 625 22.12 -30.84 1.05
CA LYS A 625 21.20 -30.96 2.17
C LYS A 625 19.74 -30.79 1.76
N MET A 626 19.51 -30.52 0.49
CA MET A 626 18.16 -30.31 -0.03
C MET A 626 18.05 -30.54 -1.55
N GLY A 627 17.89 -31.81 -1.90
CA GLY A 627 17.40 -32.15 -3.21
C GLY A 627 15.96 -31.67 -3.20
N MET A 628 15.36 -31.67 -4.39
CA MET A 628 13.92 -31.41 -4.57
C MET A 628 13.34 -30.16 -3.91
N ARG A 629 13.45 -30.05 -2.58
CA ARG A 629 12.91 -28.90 -1.85
C ARG A 629 13.64 -27.63 -2.29
N GLU A 630 13.88 -27.59 -3.61
CA GLU A 630 14.69 -26.62 -4.33
C GLU A 630 15.51 -27.31 -5.45
N GLY A 631 16.27 -26.51 -6.19
CA GLY A 631 16.11 -25.04 -6.17
C GLY A 631 16.78 -24.59 -7.44
N ALA A 632 16.35 -25.19 -8.55
CA ALA A 632 17.24 -25.57 -9.66
C ALA A 632 18.72 -25.72 -9.21
N SER A 633 19.53 -24.67 -9.02
CA SER A 633 19.37 -23.24 -9.37
C SER A 633 19.60 -22.29 -8.16
N ILE A 634 20.64 -22.48 -7.34
CA ILE A 634 21.66 -23.56 -7.37
C ILE A 634 22.27 -23.85 -8.74
N ASP A 635 21.87 -24.95 -9.38
CA ASP A 635 22.41 -25.36 -10.66
C ASP A 635 22.65 -24.18 -11.57
N SER A 636 21.63 -23.37 -11.83
CA SER A 636 21.80 -22.09 -12.51
C SER A 636 22.88 -21.20 -11.88
N TRP A 637 22.90 -21.10 -10.55
CA TRP A 637 23.88 -20.24 -9.82
C TRP A 637 25.28 -20.77 -9.87
N LEU A 638 25.46 -22.04 -9.55
CA LEU A 638 26.75 -22.67 -9.72
C LEU A 638 27.29 -22.29 -11.09
N GLU A 639 26.56 -22.71 -12.14
CA GLU A 639 27.02 -22.62 -13.53
C GLU A 639 27.11 -21.17 -14.05
N LEU A 640 27.16 -20.25 -13.10
CA LEU A 640 27.32 -18.83 -13.37
C LEU A 640 28.60 -18.34 -12.75
N LEU A 641 29.19 -19.21 -11.93
CA LEU A 641 30.53 -18.99 -11.41
C LEU A 641 31.44 -19.69 -12.40
N ARG A 642 31.22 -21.01 -12.51
CA ARG A 642 31.87 -21.84 -13.53
C ARG A 642 31.51 -21.39 -14.93
N HIS A 643 31.53 -20.07 -15.10
CA HIS A 643 31.44 -19.39 -16.38
C HIS A 643 31.80 -17.94 -16.08
N LEU A 644 31.09 -17.35 -15.12
CA LEU A 644 30.98 -15.89 -14.96
C LEU A 644 30.61 -15.19 -16.29
N9A GP3 B . -37.42 14.69 0.08
C8A GP3 B . -38.61 14.07 0.25
N7A GP3 B . -39.57 15.00 0.39
C5A GP3 B . -39.00 16.21 0.29
C6A GP3 B . -39.53 17.50 0.36
O6A GP3 B . -40.74 17.67 0.54
N1A GP3 B . -38.64 18.60 0.22
C2A GP3 B . -37.26 18.36 0.01
N2A GP3 B . -36.40 19.39 -0.12
N3A GP3 B . -36.81 17.09 -0.04
C4A GP3 B . -37.63 16.02 0.09
O5D GP3 B . -36.31 11.20 2.82
C5D GP3 B . -35.22 10.97 1.91
C4D GP3 B . -35.06 12.12 0.89
O4D GP3 B . -36.34 12.53 0.39
C3D GP3 B . -34.55 13.36 1.61
O3D GP3 B . -33.12 13.29 1.71
C2D GP3 B . -34.93 14.45 0.62
O2D GP3 B . -33.87 14.61 -0.33
C1D GP3 B . -36.16 13.89 -0.11
PA GP3 B . -36.63 10.18 4.03
O1A GP3 B . -35.60 9.10 4.04
O2A GP3 B . -36.88 10.96 5.27
O3A GP3 B . -38.04 9.49 3.58
PB GP3 B . -38.43 9.26 1.99
O1B GP3 B . -38.92 7.92 1.60
O2B GP3 B . -38.52 10.44 1.10
O3B GP3 B . -39.93 9.64 2.56
PG GP3 B . -41.34 9.87 1.72
O1G GP3 B . -41.28 11.13 0.94
O2G GP3 B . -41.72 8.62 1.02
O5E GP3 B . -42.37 10.07 2.98
C5E GP3 B . -43.23 9.02 3.47
C4E GP3 B . -42.64 8.17 4.65
O4E GP3 B . -42.61 6.74 4.28
C3E GP3 B . -41.18 8.43 5.13
O3E GP3 B . -41.24 9.19 6.36
C2E GP3 B . -40.57 7.00 5.35
O2E GP3 B . -39.90 6.81 6.61
C1E GP3 B . -41.80 6.13 5.34
N9B GP3 B . -41.46 4.69 5.09
C8B GP3 B . -41.64 3.69 5.96
N7B GP3 B . -41.24 2.55 5.41
C5B GP3 B . -40.80 2.82 4.18
C6B GP3 B . -40.27 2.02 3.16
O6B GP3 B . -40.12 0.81 3.34
N1B GP3 B . -39.89 2.63 1.94
C2B GP3 B . -40.07 4.02 1.79
N2B GP3 B . -39.73 4.64 0.67
N3B GP3 B . -40.58 4.75 2.80
C4B GP3 B . -40.94 4.18 3.97
N9 GUN C . -11.55 4.79 2.02
C8 GUN C . -10.29 5.16 2.40
N7 GUN C . -9.90 6.33 1.79
C5 GUN C . -10.90 6.74 0.98
C6 GUN C . -11.19 7.87 0.05
O6 GUN C . -10.37 8.78 -0.16
N1 GUN C . -12.39 7.87 -0.56
C2 GUN C . -13.31 6.91 -0.36
N2 GUN C . -14.50 7.00 -1.02
N3 GUN C . -13.14 5.83 0.48
C4 GUN C . -11.97 5.74 1.14
N9 GUN D . 0.10 0.45 3.67
C8 GUN D . -1.09 -0.05 3.23
N7 GUN D . -1.17 -1.40 3.42
C5 GUN D . -0.02 -1.81 3.98
C6 GUN D . 0.59 -3.07 4.45
O6 GUN D . -0.02 -4.15 4.38
N1 GUN D . 1.83 -3.02 4.98
C2 GUN D . 2.53 -1.87 5.08
N2 GUN D . 3.75 -1.91 5.62
N3 GUN D . 2.04 -0.67 4.67
C4 GUN D . 0.79 -0.61 4.13
#